data_1I0Z
#
_entry.id   1I0Z
#
_cell.length_a   59.491
_cell.length_b   161.683
_cell.length_c   137.846
_cell.angle_alpha   90.00
_cell.angle_beta   90.00
_cell.angle_gamma   90.00
#
_symmetry.space_group_name_H-M   'C 2 2 21'
#
loop_
_entity.id
_entity.type
_entity.pdbx_description
1 polymer 'L-LACTATE DEHYDROGENASE H CHAIN'
2 non-polymer '1,4-DIHYDRONICOTINAMIDE ADENINE DINUCLEOTIDE'
3 non-polymer 'OXAMIC ACID'
4 water water
#
_entity_poly.entity_id   1
_entity_poly.type   'polypeptide(L)'
_entity_poly.pdbx_seq_one_letter_code
;ATLKEKLIAPVAEEEATVPNNKITVVGVGQVGMACAISILGKSLADELALVDVLEDKLKGEMMDLQHGSLFLQTPKIVAD
KDYSVTANSKIVVVTAGVRQQEGESRLNLVQRNVNVFKFIIPQIVKYSPDCIIIVVSNPVDILTYVTWKLSGLPKHRVIG
SGCNLDSARFRYLMAEKLGIHPSSCHGWILGEHGDSSVAVWSGVNVAGVSLQELNPEMGTDNDSENWKEVHKMVVESAYE
VIKLKGYTNWAIGLSVADLIESMLKNLSRIHPVSTMVKGMYGIENEVFLSLPCILNARGLTSVINQKLKDDEVAQLKKSA
DTLWDIQKDLKDL
;
_entity_poly.pdbx_strand_id   A,B
#
loop_
_chem_comp.id
_chem_comp.type
_chem_comp.name
_chem_comp.formula
NAI non-polymer '1,4-DIHYDRONICOTINAMIDE ADENINE DINUCLEOTIDE' 'C21 H29 N7 O14 P2'
OXM non-polymer 'OXAMIC ACID' 'C2 H3 N O3'
#
# COMPACT_ATOMS: atom_id res chain seq x y z
N ALA A 1 -39.48 -3.25 7.53
CA ALA A 1 -39.65 -2.15 8.51
C ALA A 1 -38.29 -1.61 8.91
N THR A 2 -37.35 -1.62 7.97
CA THR A 2 -35.98 -1.16 8.20
C THR A 2 -35.13 -2.26 8.82
N LEU A 3 -34.21 -2.77 8.03
CA LEU A 3 -33.25 -3.76 8.48
C LEU A 3 -32.79 -3.48 9.93
N LYS A 4 -32.08 -2.36 10.09
CA LYS A 4 -31.56 -1.90 11.39
C LYS A 4 -32.58 -1.86 12.51
N GLU A 5 -33.70 -1.19 12.27
CA GLU A 5 -34.76 -1.01 13.28
C GLU A 5 -35.08 -2.28 14.01
N LYS A 6 -35.24 -3.33 13.22
CA LYS A 6 -35.66 -4.62 13.71
C LYS A 6 -34.54 -5.45 14.31
N LEU A 7 -33.36 -5.38 13.71
CA LEU A 7 -32.28 -6.26 14.11
C LEU A 7 -31.48 -5.69 15.29
N ILE A 8 -31.24 -4.39 15.26
CA ILE A 8 -30.38 -3.74 16.21
C ILE A 8 -31.13 -2.85 17.17
N ALA A 9 -31.12 -3.21 18.46
CA ALA A 9 -31.77 -2.44 19.52
C ALA A 9 -30.79 -1.47 20.18
N PRO A 10 -31.15 -0.20 20.19
CA PRO A 10 -30.29 0.84 20.75
C PRO A 10 -30.16 0.68 22.25
N VAL A 11 -28.97 0.92 22.78
CA VAL A 11 -28.75 0.90 24.21
C VAL A 11 -28.46 2.34 24.61
N ALA A 12 -27.75 3.04 23.74
CA ALA A 12 -27.48 4.46 23.94
C ALA A 12 -28.28 5.25 22.92
N GLU A 13 -28.59 6.49 23.27
CA GLU A 13 -29.26 7.40 22.36
C GLU A 13 -28.49 7.52 21.04
N GLU A 14 -29.22 7.32 19.94
CA GLU A 14 -28.76 7.52 18.56
C GLU A 14 -27.44 8.31 18.48
N GLU A 15 -27.56 9.61 18.71
CA GLU A 15 -26.48 10.60 18.93
C GLU A 15 -25.13 10.70 18.17
N ALA A 16 -24.34 11.70 18.57
CA ALA A 16 -23.07 12.09 17.92
C ALA A 16 -21.84 11.20 18.13
N THR A 17 -21.11 10.97 17.05
CA THR A 17 -19.91 10.13 17.06
C THR A 17 -18.60 10.87 17.32
N VAL A 18 -18.15 11.59 16.28
CA VAL A 18 -16.88 12.37 16.27
C VAL A 18 -15.57 11.55 16.31
N PRO A 19 -14.79 11.58 15.23
CA PRO A 19 -13.56 10.77 15.18
C PRO A 19 -12.58 11.26 16.22
N ASN A 20 -11.94 10.31 16.88
CA ASN A 20 -10.92 10.71 17.77
C ASN A 20 -9.80 10.98 16.79
N ASN A 21 -9.32 9.94 16.13
CA ASN A 21 -8.19 10.11 15.22
C ASN A 21 -8.54 10.18 13.74
N LYS A 22 -9.02 11.33 13.31
CA LYS A 22 -9.40 11.47 11.94
C LYS A 22 -8.20 11.96 11.15
N ILE A 23 -7.91 11.33 10.03
CA ILE A 23 -6.82 11.86 9.19
C ILE A 23 -7.36 12.23 7.84
N THR A 24 -6.88 13.34 7.29
CA THR A 24 -7.22 13.71 5.91
C THR A 24 -6.02 13.59 4.99
N VAL A 25 -6.23 13.07 3.80
CA VAL A 25 -5.16 13.11 2.84
C VAL A 25 -5.66 13.95 1.65
N VAL A 26 -4.92 15.00 1.28
CA VAL A 26 -5.34 15.87 0.19
C VAL A 26 -4.50 15.48 -1.01
N GLY A 27 -5.15 15.16 -2.12
CA GLY A 27 -4.44 14.65 -3.29
C GLY A 27 -4.51 13.12 -3.25
N VAL A 28 -5.19 12.52 -4.23
CA VAL A 28 -5.29 11.06 -4.32
C VAL A 28 -4.50 10.51 -5.52
N GLY A 29 -3.33 11.10 -5.79
CA GLY A 29 -2.47 10.59 -6.85
C GLY A 29 -1.59 9.49 -6.29
N GLN A 30 -0.45 9.25 -6.92
CA GLN A 30 0.46 8.19 -6.47
C GLN A 30 0.86 8.32 -4.99
N VAL A 31 1.23 9.53 -4.58
CA VAL A 31 1.71 9.74 -3.23
C VAL A 31 0.58 9.67 -2.24
N GLY A 32 -0.53 10.32 -2.56
CA GLY A 32 -1.69 10.33 -1.68
C GLY A 32 -2.21 8.94 -1.35
N MET A 33 -2.35 8.10 -2.36
CA MET A 33 -2.91 6.77 -2.12
C MET A 33 -1.92 5.90 -1.35
N ALA A 34 -0.62 6.08 -1.62
CA ALA A 34 0.41 5.34 -0.91
C ALA A 34 0.37 5.71 0.59
N CYS A 35 0.24 7.00 0.90
CA CYS A 35 0.08 7.41 2.30
C CYS A 35 -1.25 6.80 2.84
N ALA A 36 -2.31 6.92 2.06
CA ALA A 36 -3.55 6.39 2.55
C ALA A 36 -3.48 4.87 2.94
N ILE A 37 -2.94 4.06 2.04
CA ILE A 37 -2.91 2.62 2.24
C ILE A 37 -2.00 2.26 3.41
N SER A 38 -0.91 2.99 3.57
CA SER A 38 0.02 2.80 4.68
C SER A 38 -0.65 3.24 5.99
N ILE A 39 -1.42 4.31 5.95
CA ILE A 39 -2.13 4.77 7.15
C ILE A 39 -3.17 3.69 7.53
N LEU A 40 -3.93 3.24 6.55
CA LEU A 40 -4.95 2.20 6.82
C LEU A 40 -4.34 0.89 7.30
N GLY A 41 -3.22 0.51 6.68
CA GLY A 41 -2.52 -0.74 6.98
C GLY A 41 -2.10 -0.87 8.43
N LYS A 42 -1.73 0.27 9.02
CA LYS A 42 -1.34 0.36 10.40
C LYS A 42 -2.47 0.79 11.33
N SER A 43 -3.70 0.83 10.83
CA SER A 43 -4.86 1.18 11.66
C SER A 43 -4.67 2.50 12.39
N LEU A 44 -4.12 3.52 11.71
CA LEU A 44 -3.81 4.79 12.41
C LEU A 44 -4.98 5.77 12.46
N ALA A 45 -6.00 5.53 11.64
CA ALA A 45 -7.11 6.46 11.64
C ALA A 45 -8.39 5.73 11.94
N ASP A 46 -9.26 6.36 12.75
CA ASP A 46 -10.61 5.83 12.90
C ASP A 46 -11.51 6.46 11.81
N GLU A 47 -10.99 7.48 11.13
CA GLU A 47 -11.71 8.14 10.01
C GLU A 47 -10.71 8.69 9.01
N LEU A 48 -10.87 8.32 7.74
CA LEU A 48 -10.00 8.79 6.68
C LEU A 48 -10.81 9.62 5.68
N ALA A 49 -10.42 10.88 5.49
CA ALA A 49 -11.08 11.72 4.50
C ALA A 49 -10.15 11.96 3.31
N LEU A 50 -10.68 11.91 2.09
CA LEU A 50 -9.86 12.21 0.92
C LEU A 50 -10.37 13.44 0.15
N VAL A 51 -9.47 14.23 -0.40
CA VAL A 51 -9.90 15.40 -1.16
C VAL A 51 -9.03 15.48 -2.40
N ASP A 52 -9.64 15.87 -3.52
CA ASP A 52 -8.92 16.09 -4.77
C ASP A 52 -9.86 16.87 -5.71
N VAL A 53 -9.31 17.51 -6.73
CA VAL A 53 -10.15 18.22 -7.69
C VAL A 53 -10.71 17.21 -8.73
N LEU A 54 -10.09 16.05 -8.83
CA LEU A 54 -10.57 15.04 -9.78
C LEU A 54 -11.69 14.24 -9.10
N GLU A 55 -12.95 14.60 -9.37
CA GLU A 55 -14.07 14.01 -8.65
C GLU A 55 -14.28 12.51 -8.88
N ASP A 56 -14.19 12.08 -10.13
CA ASP A 56 -14.44 10.68 -10.42
C ASP A 56 -13.32 9.83 -9.80
N LYS A 57 -12.08 10.25 -10.05
CA LYS A 57 -10.94 9.51 -9.53
C LYS A 57 -11.05 9.41 -8.01
N LEU A 58 -11.48 10.51 -7.40
CA LEU A 58 -11.57 10.61 -5.96
C LEU A 58 -12.58 9.60 -5.44
N LYS A 59 -13.72 9.53 -6.11
CA LYS A 59 -14.78 8.58 -5.70
C LYS A 59 -14.36 7.11 -5.87
N GLY A 60 -13.69 6.83 -7.00
CA GLY A 60 -13.24 5.48 -7.29
C GLY A 60 -12.26 5.01 -6.23
N GLU A 61 -11.34 5.90 -5.86
CA GLU A 61 -10.37 5.57 -4.83
C GLU A 61 -11.07 5.27 -3.49
N MET A 62 -12.04 6.09 -3.14
CA MET A 62 -12.78 5.87 -1.90
C MET A 62 -13.43 4.47 -1.86
N MET A 63 -14.05 4.13 -2.97
CA MET A 63 -14.82 2.94 -3.09
C MET A 63 -13.89 1.73 -3.01
N ASP A 64 -12.75 1.82 -3.66
CA ASP A 64 -11.79 0.71 -3.67
C ASP A 64 -11.30 0.42 -2.27
N LEU A 65 -10.94 1.47 -1.56
CA LEU A 65 -10.54 1.34 -0.14
C LEU A 65 -11.67 0.75 0.68
N GLN A 66 -12.85 1.32 0.51
CA GLN A 66 -14.02 0.82 1.23
C GLN A 66 -14.23 -0.67 0.98
N HIS A 67 -14.04 -1.13 -0.25
CA HIS A 67 -14.21 -2.57 -0.50
C HIS A 67 -13.22 -3.44 0.21
N GLY A 68 -12.09 -2.88 0.65
CA GLY A 68 -11.15 -3.69 1.42
C GLY A 68 -11.35 -3.54 2.93
N SER A 69 -12.44 -2.89 3.34
CA SER A 69 -12.72 -2.61 4.76
C SER A 69 -12.68 -3.84 5.68
N LEU A 70 -13.10 -4.98 5.17
CA LEU A 70 -13.05 -6.22 5.98
C LEU A 70 -11.66 -6.47 6.51
N PHE A 71 -10.67 -6.03 5.77
CA PHE A 71 -9.30 -6.29 6.15
C PHE A 71 -8.64 -5.14 6.91
N LEU A 72 -9.41 -4.07 7.16
CA LEU A 72 -8.90 -2.87 7.80
C LEU A 72 -9.56 -2.62 9.17
N GLN A 73 -9.21 -1.52 9.82
CA GLN A 73 -9.79 -1.15 11.10
C GLN A 73 -10.10 0.36 11.08
N THR A 74 -10.68 0.81 9.98
CA THR A 74 -11.06 2.21 9.81
C THR A 74 -12.54 2.25 9.39
N PRO A 75 -13.42 2.47 10.36
CA PRO A 75 -14.87 2.37 10.15
C PRO A 75 -15.44 3.42 9.22
N LYS A 76 -14.69 4.50 8.93
CA LYS A 76 -15.26 5.52 8.09
C LYS A 76 -14.24 6.12 7.12
N ILE A 77 -14.55 6.01 5.84
CA ILE A 77 -13.71 6.53 4.76
C ILE A 77 -14.64 7.37 3.91
N VAL A 78 -14.30 8.65 3.75
CA VAL A 78 -15.13 9.59 3.03
C VAL A 78 -14.24 10.33 2.02
N ALA A 79 -14.86 10.95 1.02
CA ALA A 79 -14.11 11.62 -0.03
C ALA A 79 -14.98 12.65 -0.70
N ASP A 80 -14.43 13.85 -0.87
CA ASP A 80 -15.19 14.91 -1.54
C ASP A 80 -14.24 16.01 -1.96
N LYS A 81 -14.61 16.75 -3.00
CA LYS A 81 -13.81 17.91 -3.41
C LYS A 81 -13.99 19.07 -2.42
N ASP A 82 -15.11 19.08 -1.69
CA ASP A 82 -15.45 20.11 -0.71
C ASP A 82 -14.76 19.80 0.62
N TYR A 83 -14.04 20.77 1.18
CA TYR A 83 -13.28 20.56 2.40
C TYR A 83 -14.11 20.36 3.65
N SER A 84 -15.42 20.55 3.56
CA SER A 84 -16.24 20.27 4.73
C SER A 84 -16.09 18.78 5.15
N VAL A 85 -15.72 17.89 4.23
CA VAL A 85 -15.51 16.48 4.64
C VAL A 85 -14.30 16.28 5.52
N THR A 86 -13.39 17.24 5.55
CA THR A 86 -12.17 17.12 6.34
C THR A 86 -12.28 17.62 7.77
N ALA A 87 -13.46 18.12 8.15
CA ALA A 87 -13.66 18.70 9.47
C ALA A 87 -13.20 17.78 10.62
N ASN A 88 -12.58 18.41 11.61
CA ASN A 88 -12.09 17.79 12.83
C ASN A 88 -11.01 16.74 12.60
N SER A 89 -10.14 16.98 11.61
CA SER A 89 -9.01 16.08 11.40
C SER A 89 -7.92 16.34 12.42
N LYS A 90 -7.32 15.30 12.99
CA LYS A 90 -6.17 15.53 13.86
C LYS A 90 -4.96 15.81 12.99
N ILE A 91 -4.91 15.18 11.82
CA ILE A 91 -3.80 15.33 10.90
C ILE A 91 -4.29 15.51 9.45
N VAL A 92 -3.77 16.52 8.77
CA VAL A 92 -4.03 16.64 7.35
C VAL A 92 -2.68 16.48 6.60
N VAL A 93 -2.62 15.49 5.69
CA VAL A 93 -1.48 15.24 4.82
C VAL A 93 -1.72 15.92 3.43
N VAL A 94 -0.85 16.85 3.05
CA VAL A 94 -1.09 17.49 1.76
C VAL A 94 -0.13 17.01 0.71
N THR A 95 -0.61 16.24 -0.26
CA THR A 95 0.25 15.75 -1.32
C THR A 95 -0.21 16.30 -2.66
N ALA A 96 -1.06 17.30 -2.60
CA ALA A 96 -1.69 17.86 -3.82
C ALA A 96 -0.77 18.78 -4.57
N GLY A 97 -0.92 18.79 -5.91
CA GLY A 97 -0.15 19.64 -6.80
C GLY A 97 0.66 18.90 -7.88
N VAL A 98 1.66 19.57 -8.47
CA VAL A 98 2.43 18.93 -9.54
C VAL A 98 3.65 18.25 -8.96
N ARG A 99 4.21 17.30 -9.68
CA ARG A 99 5.40 16.55 -9.26
C ARG A 99 6.46 16.80 -10.30
N GLN A 100 7.67 16.30 -10.05
CA GLN A 100 8.73 16.53 -11.00
C GLN A 100 8.51 15.77 -12.29
N GLN A 101 8.74 16.48 -13.40
CA GLN A 101 8.86 15.77 -14.67
C GLN A 101 10.29 15.21 -14.65
N GLU A 102 10.61 14.33 -15.58
CA GLU A 102 11.93 13.72 -15.60
C GLU A 102 13.11 14.71 -15.63
N GLY A 103 13.96 14.62 -14.62
CA GLY A 103 15.15 15.44 -14.52
C GLY A 103 14.88 16.83 -13.99
N GLU A 104 13.65 17.12 -13.55
CA GLU A 104 13.29 18.48 -13.13
C GLU A 104 13.58 18.66 -11.64
N SER A 105 14.23 19.78 -11.30
CA SER A 105 14.42 20.07 -9.89
C SER A 105 13.09 20.28 -9.18
N ARG A 106 13.00 19.83 -7.95
CA ARG A 106 11.85 20.12 -7.09
C ARG A 106 11.63 21.62 -6.96
N LEU A 107 12.71 22.40 -6.99
CA LEU A 107 12.61 23.84 -6.82
C LEU A 107 11.88 24.50 -7.98
N ASN A 108 11.89 23.82 -9.12
CA ASN A 108 11.15 24.32 -10.25
C ASN A 108 9.63 24.22 -10.11
N LEU A 109 9.15 23.49 -9.10
CA LEU A 109 7.68 23.35 -8.96
C LEU A 109 7.07 24.47 -8.10
N VAL A 110 7.93 25.31 -7.57
CA VAL A 110 7.54 26.22 -6.51
C VAL A 110 6.33 27.09 -6.86
N GLN A 111 6.40 27.83 -7.96
CA GLN A 111 5.29 28.74 -8.23
C GLN A 111 3.96 28.02 -8.44
N ARG A 112 3.96 26.96 -9.23
CA ARG A 112 2.72 26.25 -9.47
C ARG A 112 2.14 25.75 -8.14
N ASN A 113 3.00 25.21 -7.29
CA ASN A 113 2.48 24.63 -6.05
C ASN A 113 2.11 25.64 -4.99
N VAL A 114 2.80 26.77 -5.00
CA VAL A 114 2.43 27.86 -4.12
C VAL A 114 1.00 28.29 -4.50
N ASN A 115 0.73 28.43 -5.80
CA ASN A 115 -0.64 28.77 -6.22
C ASN A 115 -1.69 27.78 -5.73
N VAL A 116 -1.38 26.49 -5.83
CA VAL A 116 -2.26 25.48 -5.29
C VAL A 116 -2.46 25.72 -3.80
N PHE A 117 -1.36 25.79 -3.06
CA PHE A 117 -1.44 25.97 -1.59
C PHE A 117 -2.17 27.21 -1.15
N LYS A 118 -1.96 28.32 -1.84
CA LYS A 118 -2.63 29.53 -1.44
C LYS A 118 -4.13 29.33 -1.42
N PHE A 119 -4.62 28.51 -2.32
CA PHE A 119 -6.05 28.28 -2.40
C PHE A 119 -6.62 27.24 -1.44
N ILE A 120 -5.91 26.14 -1.22
CA ILE A 120 -6.42 25.06 -0.39
C ILE A 120 -6.11 25.16 1.12
N ILE A 121 -4.98 25.75 1.49
CA ILE A 121 -4.61 25.83 2.90
C ILE A 121 -5.68 26.51 3.76
N PRO A 122 -6.18 27.67 3.33
CA PRO A 122 -7.24 28.33 4.11
C PRO A 122 -8.49 27.47 4.29
N GLN A 123 -8.81 26.61 3.32
CA GLN A 123 -10.01 25.76 3.44
C GLN A 123 -9.75 24.68 4.46
N ILE A 124 -8.53 24.15 4.43
CA ILE A 124 -8.12 23.16 5.40
C ILE A 124 -8.23 23.70 6.85
N VAL A 125 -7.66 24.87 7.12
CA VAL A 125 -7.68 25.40 8.48
C VAL A 125 -9.09 25.81 8.91
N LYS A 126 -9.89 26.28 7.95
CA LYS A 126 -11.27 26.60 8.26
C LYS A 126 -11.95 25.40 8.88
N TYR A 127 -11.73 24.22 8.29
CA TYR A 127 -12.43 23.05 8.78
C TYR A 127 -11.73 22.31 9.91
N SER A 128 -10.40 22.41 9.99
CA SER A 128 -9.67 21.84 11.13
C SER A 128 -8.65 22.87 11.61
N PRO A 129 -9.07 23.87 12.40
CA PRO A 129 -8.18 24.95 12.86
C PRO A 129 -7.11 24.47 13.84
N ASP A 130 -7.31 23.31 14.45
CA ASP A 130 -6.36 22.71 15.41
C ASP A 130 -5.64 21.45 14.88
N CYS A 131 -5.62 21.23 13.58
CA CYS A 131 -4.99 20.01 13.08
C CYS A 131 -3.50 20.22 13.05
N ILE A 132 -2.80 19.16 12.74
CA ILE A 132 -1.38 19.21 12.48
C ILE A 132 -1.34 18.98 10.97
N ILE A 133 -0.56 19.75 10.24
CA ILE A 133 -0.48 19.57 8.81
C ILE A 133 0.87 18.97 8.49
N ILE A 134 0.83 17.82 7.80
CA ILE A 134 2.07 17.26 7.28
C ILE A 134 2.15 17.62 5.81
N VAL A 135 3.09 18.49 5.46
CA VAL A 135 3.32 18.89 4.06
C VAL A 135 4.21 17.87 3.34
N VAL A 136 3.81 17.45 2.15
CA VAL A 136 4.58 16.47 1.39
C VAL A 136 4.87 17.02 -0.02
N SER A 137 3.92 17.75 -0.59
CA SER A 137 4.10 18.31 -1.94
C SER A 137 5.42 19.09 -2.05
N ASN A 138 6.01 19.10 -3.25
CA ASN A 138 7.34 19.68 -3.50
C ASN A 138 7.32 21.08 -4.15
N PRO A 139 8.31 21.92 -3.83
CA PRO A 139 9.39 21.55 -2.91
C PRO A 139 8.98 21.63 -1.42
N VAL A 140 9.12 20.52 -0.72
CA VAL A 140 8.52 20.33 0.60
C VAL A 140 8.94 21.31 1.69
N ASP A 141 10.21 21.70 1.72
CA ASP A 141 10.62 22.65 2.74
C ASP A 141 9.99 24.01 2.52
N ILE A 142 10.04 24.48 1.28
CA ILE A 142 9.48 25.79 1.00
C ILE A 142 7.98 25.76 1.15
N LEU A 143 7.34 24.66 0.78
CA LEU A 143 5.88 24.58 0.93
C LEU A 143 5.47 24.51 2.41
N THR A 144 6.34 23.99 3.26
CA THR A 144 6.05 23.97 4.71
C THR A 144 6.09 25.43 5.22
N TYR A 145 7.10 26.18 4.79
CA TYR A 145 7.17 27.62 5.14
C TYR A 145 5.89 28.29 4.69
N VAL A 146 5.50 28.00 3.45
CA VAL A 146 4.32 28.61 2.84
C VAL A 146 3.06 28.25 3.61
N THR A 147 2.93 26.98 3.95
CA THR A 147 1.83 26.52 4.78
C THR A 147 1.74 27.19 6.15
N TRP A 148 2.89 27.35 6.77
CA TRP A 148 2.95 28.02 8.05
C TRP A 148 2.41 29.47 7.97
N LYS A 149 2.90 30.23 6.98
CA LYS A 149 2.48 31.62 6.79
C LYS A 149 1.00 31.72 6.43
N LEU A 150 0.53 30.87 5.53
CA LEU A 150 -0.87 30.92 5.13
C LEU A 150 -1.81 30.42 6.23
N SER A 151 -1.40 29.40 6.96
CA SER A 151 -2.32 28.72 7.86
C SER A 151 -2.52 29.42 9.16
N GLY A 152 -1.53 30.22 9.54
CA GLY A 152 -1.54 30.84 10.84
C GLY A 152 -1.46 29.85 11.99
N LEU A 153 -1.05 28.61 11.72
CA LEU A 153 -0.86 27.64 12.80
C LEU A 153 0.52 27.78 13.48
N PRO A 154 0.63 27.34 14.72
CA PRO A 154 1.93 27.36 15.41
C PRO A 154 2.91 26.45 14.68
N LYS A 155 4.17 26.78 14.86
CA LYS A 155 5.24 26.04 14.24
C LYS A 155 5.19 24.55 14.50
N HIS A 156 4.86 24.18 15.73
CA HIS A 156 4.94 22.77 16.04
C HIS A 156 3.79 21.98 15.41
N ARG A 157 2.89 22.69 14.72
CA ARG A 157 1.79 22.03 14.02
C ARG A 157 1.91 22.05 12.47
N VAL A 158 3.04 22.51 11.93
CA VAL A 158 3.22 22.52 10.46
C VAL A 158 4.57 21.88 10.16
N ILE A 159 4.53 20.67 9.62
CA ILE A 159 5.70 19.83 9.54
C ILE A 159 5.96 19.33 8.12
N GLY A 160 7.18 19.48 7.63
CA GLY A 160 7.45 18.97 6.30
C GLY A 160 7.92 17.54 6.42
N SER A 161 7.35 16.62 5.62
CA SER A 161 7.82 15.23 5.62
C SER A 161 9.36 15.22 5.52
N GLY A 162 9.91 16.22 4.82
CA GLY A 162 11.34 16.49 4.82
C GLY A 162 12.34 15.37 4.54
N CYS A 163 13.36 15.25 5.39
CA CYS A 163 14.39 14.21 5.16
C CYS A 163 14.16 12.90 5.92
N ASN A 164 12.92 12.68 6.41
CA ASN A 164 12.65 11.39 7.03
C ASN A 164 12.92 10.33 5.94
N LEU A 165 12.51 10.67 4.73
CA LEU A 165 12.68 9.81 3.57
C LEU A 165 14.14 9.69 3.13
N ASP A 166 14.84 10.82 3.01
CA ASP A 166 16.26 10.79 2.64
C ASP A 166 17.08 9.98 3.62
N SER A 167 16.76 10.15 4.90
CA SER A 167 17.48 9.39 5.93
C SER A 167 17.18 7.90 5.87
N ALA A 168 15.95 7.52 5.57
CA ALA A 168 15.63 6.09 5.47
C ALA A 168 16.40 5.48 4.29
N ARG A 169 16.47 6.23 3.19
CA ARG A 169 17.28 5.81 2.02
C ARG A 169 18.74 5.66 2.40
N PHE A 170 19.27 6.66 3.10
CA PHE A 170 20.65 6.62 3.57
C PHE A 170 20.88 5.38 4.43
N ARG A 171 19.95 5.10 5.35
CA ARG A 171 20.08 3.97 6.26
C ARG A 171 19.96 2.65 5.49
N TYR A 172 19.09 2.63 4.49
CA TYR A 172 19.02 1.45 3.62
C TYR A 172 20.35 1.18 2.90
N LEU A 173 20.92 2.21 2.28
CA LEU A 173 22.18 2.02 1.52
C LEU A 173 23.33 1.63 2.46
N MET A 174 23.38 2.29 3.61
CA MET A 174 24.37 1.96 4.60
C MET A 174 24.21 0.49 4.99
N ALA A 175 22.96 0.09 5.28
CA ALA A 175 22.65 -1.28 5.66
C ALA A 175 23.12 -2.29 4.63
N GLU A 176 22.90 -1.96 3.35
CA GLU A 176 23.26 -2.84 2.27
C GLU A 176 24.76 -3.05 2.25
N LYS A 177 25.50 -2.02 2.57
CA LYS A 177 26.96 -2.13 2.57
C LYS A 177 27.39 -2.97 3.78
N LEU A 178 26.63 -2.98 4.87
CA LEU A 178 27.13 -3.67 6.06
C LEU A 178 26.45 -4.99 6.28
N GLY A 179 25.42 -5.27 5.51
CA GLY A 179 24.67 -6.50 5.66
C GLY A 179 23.84 -6.61 6.93
N ILE A 180 23.27 -5.51 7.39
CA ILE A 180 22.38 -5.55 8.56
C ILE A 180 21.07 -4.80 8.33
N HIS A 181 20.16 -4.83 9.28
CA HIS A 181 18.88 -4.13 9.06
C HIS A 181 19.09 -2.63 9.15
N PRO A 182 18.42 -1.87 8.28
CA PRO A 182 18.54 -0.40 8.37
C PRO A 182 18.23 0.15 9.78
N SER A 183 17.34 -0.51 10.54
CA SER A 183 17.03 -0.02 11.87
C SER A 183 18.27 -0.08 12.79
N SER A 184 19.24 -0.92 12.45
CA SER A 184 20.49 -1.02 13.22
C SER A 184 21.62 -0.14 12.68
N CYS A 185 21.38 0.60 11.59
CA CYS A 185 22.37 1.57 11.07
C CYS A 185 21.83 2.95 11.40
N HIS A 186 22.67 3.81 11.96
CA HIS A 186 22.23 5.12 12.37
C HIS A 186 22.99 6.18 11.59
N GLY A 187 22.26 7.15 11.08
CA GLY A 187 22.84 8.18 10.24
C GLY A 187 21.76 9.14 9.84
N TRP A 188 22.11 10.42 9.77
CA TRP A 188 21.14 11.46 9.54
C TRP A 188 21.46 12.25 8.27
N ILE A 189 20.45 12.40 7.41
CA ILE A 189 20.55 13.30 6.27
C ILE A 189 19.70 14.49 6.66
N LEU A 190 20.28 15.70 6.67
CA LEU A 190 19.54 16.88 7.08
C LEU A 190 19.54 17.96 5.97
N GLY A 191 18.93 19.12 6.26
CA GLY A 191 18.85 20.24 5.31
C GLY A 191 17.68 20.06 4.35
N GLU A 192 17.82 20.55 3.12
CA GLU A 192 16.77 20.42 2.11
C GLU A 192 16.46 18.98 1.71
N HIS A 193 15.18 18.65 1.56
CA HIS A 193 14.84 17.39 0.92
C HIS A 193 15.08 17.68 -0.58
N GLY A 194 16.32 17.55 -1.03
CA GLY A 194 16.69 17.89 -2.39
C GLY A 194 18.19 17.84 -2.57
N ASP A 195 18.67 18.55 -3.60
CA ASP A 195 20.07 18.38 -4.00
C ASP A 195 21.05 18.93 -2.99
N SER A 196 20.62 19.86 -2.13
CA SER A 196 21.57 20.43 -1.17
C SER A 196 21.48 19.76 0.21
N SER A 197 21.02 18.50 0.27
CA SER A 197 20.92 17.85 1.58
C SER A 197 22.32 17.59 2.16
N VAL A 198 22.37 17.35 3.46
CA VAL A 198 23.62 17.22 4.18
C VAL A 198 23.75 15.89 4.92
N ALA A 199 24.83 15.17 4.68
CA ALA A 199 25.06 13.93 5.40
C ALA A 199 25.85 14.25 6.68
N VAL A 200 25.29 13.99 7.86
CA VAL A 200 26.03 14.25 9.08
C VAL A 200 26.91 13.05 9.39
N TRP A 201 28.03 12.99 8.69
CA TRP A 201 28.99 11.89 8.84
C TRP A 201 29.39 11.66 10.29
N SER A 202 29.50 12.74 11.05
CA SER A 202 29.95 12.67 12.43
C SER A 202 28.98 11.93 13.31
N GLY A 203 27.76 11.72 12.84
CA GLY A 203 26.81 10.99 13.66
C GLY A 203 26.54 9.58 13.14
N VAL A 204 27.14 9.21 11.99
CA VAL A 204 26.93 7.87 11.43
C VAL A 204 27.55 6.80 12.32
N ASN A 205 26.75 5.85 12.80
CA ASN A 205 27.29 4.84 13.70
C ASN A 205 26.53 3.53 13.70
N VAL A 206 27.19 2.46 14.18
CA VAL A 206 26.53 1.17 14.36
C VAL A 206 26.78 0.76 15.82
N ALA A 207 25.70 0.53 16.57
CA ALA A 207 25.88 0.09 17.94
C ALA A 207 26.77 1.08 18.70
N GLY A 208 26.69 2.35 18.34
CA GLY A 208 27.36 3.37 19.08
C GLY A 208 28.81 3.55 18.63
N VAL A 209 29.24 2.75 17.65
CA VAL A 209 30.61 2.86 17.11
C VAL A 209 30.64 3.87 15.97
N SER A 210 31.32 4.99 16.20
CA SER A 210 31.38 6.07 15.24
C SER A 210 32.16 5.64 13.99
N LEU A 211 31.48 5.57 12.85
CA LEU A 211 32.16 5.13 11.63
C LEU A 211 33.20 6.15 11.22
N GLN A 212 32.95 7.42 11.52
CA GLN A 212 33.92 8.45 11.19
C GLN A 212 35.18 8.25 12.00
N GLU A 213 35.04 7.83 13.27
CA GLU A 213 36.24 7.55 14.07
C GLU A 213 37.03 6.43 13.39
N LEU A 214 36.35 5.38 12.94
CA LEU A 214 37.03 4.28 12.28
C LEU A 214 37.64 4.69 10.94
N ASN A 215 36.97 5.61 10.24
CA ASN A 215 37.44 6.13 8.95
C ASN A 215 37.33 7.64 8.95
N PRO A 216 38.39 8.31 9.38
CA PRO A 216 38.39 9.77 9.48
C PRO A 216 38.24 10.43 8.10
N GLU A 217 38.40 9.68 7.02
CA GLU A 217 38.26 10.26 5.69
C GLU A 217 36.83 10.13 5.20
N MET A 218 35.98 9.54 6.04
CA MET A 218 34.58 9.34 5.69
C MET A 218 33.98 10.64 5.16
N GLY A 219 33.38 10.58 3.98
CA GLY A 219 32.74 11.75 3.42
C GLY A 219 33.63 12.67 2.60
N THR A 220 34.93 12.40 2.54
CA THR A 220 35.79 13.29 1.78
C THR A 220 36.08 12.75 0.41
N ASP A 221 36.99 13.42 -0.28
CA ASP A 221 37.42 13.03 -1.61
C ASP A 221 38.48 11.93 -1.55
N ASN A 222 39.06 11.70 -0.39
CA ASN A 222 40.13 10.71 -0.27
C ASN A 222 39.68 9.57 0.62
N ASP A 223 38.64 8.86 0.18
CA ASP A 223 38.03 7.81 0.98
C ASP A 223 38.13 6.50 0.24
N SER A 224 38.54 5.45 0.95
CA SER A 224 38.76 4.15 0.33
C SER A 224 37.52 3.50 -0.28
N GLU A 225 36.44 3.38 0.48
CA GLU A 225 35.26 2.69 -0.06
C GLU A 225 33.98 2.86 0.76
N ASN A 226 33.30 4.00 0.67
CA ASN A 226 33.65 5.13 -0.18
C ASN A 226 32.45 6.07 -0.08
N TRP A 227 32.09 6.35 1.16
CA TRP A 227 30.91 7.10 1.60
C TRP A 227 30.25 8.16 0.74
N LYS A 228 30.98 9.22 0.39
CA LYS A 228 30.41 10.29 -0.39
C LYS A 228 29.44 9.79 -1.46
N GLU A 229 29.83 8.72 -2.16
CA GLU A 229 28.98 8.16 -3.20
C GLU A 229 27.63 7.72 -2.62
N VAL A 230 27.64 7.29 -1.37
CA VAL A 230 26.39 6.91 -0.71
C VAL A 230 25.49 8.13 -0.58
N HIS A 231 26.05 9.26 -0.19
CA HIS A 231 25.23 10.48 -0.08
C HIS A 231 24.77 10.89 -1.48
N LYS A 232 25.64 10.76 -2.46
CA LYS A 232 25.29 11.08 -3.84
C LYS A 232 24.10 10.25 -4.34
N MET A 233 24.10 8.95 -4.02
CA MET A 233 23.00 8.07 -4.34
C MET A 233 21.69 8.50 -3.65
N VAL A 234 21.75 8.91 -2.39
CA VAL A 234 20.58 9.45 -1.74
C VAL A 234 20.04 10.68 -2.50
N VAL A 235 20.93 11.62 -2.82
CA VAL A 235 20.57 12.83 -3.57
C VAL A 235 19.90 12.53 -4.92
N GLU A 236 20.49 11.59 -5.63
CA GLU A 236 20.05 11.23 -6.98
C GLU A 236 18.86 10.29 -7.05
N SER A 237 18.53 9.67 -5.92
CA SER A 237 17.56 8.58 -5.91
C SER A 237 16.21 8.94 -6.50
N ALA A 238 15.65 10.10 -6.15
CA ALA A 238 14.36 10.45 -6.71
C ALA A 238 14.46 10.51 -8.23
N TYR A 239 15.52 11.11 -8.77
CA TYR A 239 15.64 11.26 -10.22
C TYR A 239 15.74 9.88 -10.87
N GLU A 240 16.50 8.99 -10.25
CA GLU A 240 16.69 7.68 -10.86
C GLU A 240 15.38 6.93 -10.84
N VAL A 241 14.66 6.97 -9.72
CA VAL A 241 13.36 6.31 -9.66
C VAL A 241 12.33 6.96 -10.58
N ILE A 242 12.30 8.30 -10.62
CA ILE A 242 11.41 8.94 -11.56
C ILE A 242 11.71 8.49 -13.01
N LYS A 243 12.98 8.39 -13.37
CA LYS A 243 13.34 7.98 -14.72
C LYS A 243 12.79 6.58 -15.03
N LEU A 244 12.73 5.72 -14.02
CA LEU A 244 12.31 4.33 -14.23
C LEU A 244 10.80 4.05 -14.24
N LYS A 245 10.08 4.64 -13.29
CA LYS A 245 8.66 4.37 -13.18
C LYS A 245 7.80 5.61 -13.21
N GLY A 246 8.39 6.80 -13.39
CA GLY A 246 7.63 8.05 -13.56
C GLY A 246 7.44 8.94 -12.33
N TYR A 247 7.67 8.39 -11.13
CA TYR A 247 7.36 9.11 -9.88
C TYR A 247 7.87 8.21 -8.74
N THR A 248 7.77 8.66 -7.50
CA THR A 248 8.01 7.76 -6.35
C THR A 248 6.79 7.86 -5.47
N ASN A 249 6.51 6.80 -4.70
CA ASN A 249 5.36 6.82 -3.80
C ASN A 249 5.38 5.88 -2.57
N TRP A 250 5.82 4.63 -2.75
CA TRP A 250 5.81 3.63 -1.65
C TRP A 250 6.67 4.06 -0.45
N ALA A 251 7.90 4.49 -0.73
CA ALA A 251 8.78 4.87 0.37
C ALA A 251 8.23 6.10 1.07
N ILE A 252 7.85 7.13 0.32
CA ILE A 252 7.25 8.31 0.99
C ILE A 252 5.95 7.98 1.76
N GLY A 253 5.12 7.04 1.28
CA GLY A 253 3.91 6.65 1.97
C GLY A 253 4.21 6.02 3.34
N LEU A 254 5.18 5.11 3.34
CA LEU A 254 5.69 4.49 4.56
C LEU A 254 6.31 5.53 5.53
N SER A 255 7.06 6.46 4.92
CA SER A 255 7.70 7.52 5.69
C SER A 255 6.64 8.35 6.40
N VAL A 256 5.59 8.71 5.69
CA VAL A 256 4.54 9.51 6.25
C VAL A 256 3.78 8.78 7.37
N ALA A 257 3.49 7.51 7.16
CA ALA A 257 2.80 6.77 8.17
C ALA A 257 3.63 6.70 9.47
N ASP A 258 4.95 6.59 9.32
CA ASP A 258 5.92 6.48 10.44
C ASP A 258 5.82 7.76 11.28
N LEU A 259 5.72 8.92 10.63
CA LEU A 259 5.59 10.19 11.34
C LEU A 259 4.25 10.24 12.07
N ILE A 260 3.21 9.80 11.37
CA ILE A 260 1.87 9.82 11.97
C ILE A 260 1.80 8.92 13.21
N GLU A 261 2.49 7.79 13.13
CA GLU A 261 2.45 6.85 14.23
C GLU A 261 3.05 7.50 15.48
N SER A 262 4.19 8.16 15.30
CA SER A 262 4.84 8.85 16.42
C SER A 262 3.94 9.87 17.07
N MET A 263 3.19 10.58 16.25
CA MET A 263 2.33 11.61 16.76
C MET A 263 1.00 11.11 17.36
N LEU A 264 0.28 10.24 16.65
CA LEU A 264 -1.01 9.69 17.14
C LEU A 264 -0.80 8.79 18.37
N LYS A 265 0.37 8.16 18.51
CA LYS A 265 0.68 7.33 19.70
C LYS A 265 1.46 8.12 20.76
N ASN A 266 1.69 9.39 20.47
CA ASN A 266 2.31 10.29 21.43
C ASN A 266 3.64 9.75 21.94
N LEU A 267 4.44 9.21 21.03
CA LEU A 267 5.68 8.53 21.41
C LEU A 267 6.93 9.39 21.69
N SER A 268 6.98 10.62 21.17
CA SER A 268 8.19 11.40 21.27
C SER A 268 9.40 10.70 20.68
N ARG A 269 9.25 10.22 19.45
CA ARG A 269 10.38 9.68 18.69
C ARG A 269 11.00 10.80 17.89
N ILE A 270 12.27 10.63 17.55
CA ILE A 270 13.02 11.62 16.79
C ILE A 270 13.00 11.29 15.31
N HIS A 271 12.71 12.28 14.48
CA HIS A 271 12.63 12.14 13.02
C HIS A 271 13.25 13.40 12.42
N PRO A 272 14.00 13.28 11.31
CA PRO A 272 14.53 14.45 10.63
C PRO A 272 13.43 15.00 9.70
N VAL A 273 12.73 16.01 10.18
CA VAL A 273 11.64 16.60 9.42
C VAL A 273 11.84 18.09 9.30
N SER A 274 11.05 18.69 8.40
CA SER A 274 11.26 20.09 8.11
C SER A 274 10.60 21.08 9.09
N THR A 275 11.44 21.91 9.70
CA THR A 275 10.94 22.90 10.65
C THR A 275 11.67 24.24 10.49
N MET A 276 11.20 25.25 11.21
CA MET A 276 11.73 26.60 11.13
C MET A 276 13.04 26.74 11.92
N VAL A 277 14.15 26.98 11.22
CA VAL A 277 15.44 26.89 11.91
C VAL A 277 16.16 28.21 12.19
N LYS A 278 15.43 29.31 12.10
CA LYS A 278 16.06 30.60 12.39
C LYS A 278 16.73 30.54 13.72
N GLY A 279 17.97 31.06 13.77
CA GLY A 279 18.70 31.17 15.01
C GLY A 279 19.48 29.92 15.33
N MET A 280 19.44 28.91 14.47
CA MET A 280 20.21 27.69 14.68
C MET A 280 21.38 27.61 13.70
N TYR A 281 22.53 27.17 14.19
CA TYR A 281 23.73 27.03 13.36
C TYR A 281 24.07 28.29 12.54
N GLY A 282 23.73 29.47 13.07
CA GLY A 282 24.04 30.69 12.34
C GLY A 282 23.09 31.03 11.20
N ILE A 283 21.91 30.41 11.21
CA ILE A 283 20.96 30.72 10.14
C ILE A 283 20.13 31.94 10.53
N GLU A 284 20.11 32.96 9.68
CA GLU A 284 19.56 34.24 10.10
C GLU A 284 18.13 34.49 9.68
N ASN A 285 17.62 33.71 8.76
CA ASN A 285 16.25 33.94 8.33
C ASN A 285 15.31 32.79 8.64
N GLU A 286 14.03 33.01 8.41
CA GLU A 286 12.99 32.02 8.64
C GLU A 286 12.98 30.86 7.65
N VAL A 287 14.12 30.20 7.51
CA VAL A 287 14.28 29.05 6.65
C VAL A 287 13.64 27.77 7.25
N PHE A 288 12.97 26.95 6.43
CA PHE A 288 12.53 25.63 6.89
C PHE A 288 13.44 24.57 6.24
N LEU A 289 13.93 23.65 7.04
CA LEU A 289 14.68 22.54 6.50
C LEU A 289 14.69 21.49 7.61
N SER A 290 15.16 20.30 7.29
CA SER A 290 15.08 19.19 8.24
C SER A 290 16.22 19.16 9.27
N LEU A 291 15.84 18.93 10.54
CA LEU A 291 16.74 18.65 11.65
C LEU A 291 16.03 17.54 12.43
N PRO A 292 16.76 16.85 13.28
CA PRO A 292 16.15 15.79 14.10
C PRO A 292 15.16 16.48 15.06
N CYS A 293 13.88 16.14 14.98
CA CYS A 293 12.87 16.72 15.83
C CYS A 293 12.12 15.64 16.61
N ILE A 294 11.60 16.01 17.78
CA ILE A 294 10.83 15.13 18.63
C ILE A 294 9.35 15.26 18.26
N LEU A 295 8.73 14.13 17.95
CA LEU A 295 7.33 14.13 17.55
C LEU A 295 6.45 13.38 18.54
N ASN A 296 5.34 13.99 18.91
CA ASN A 296 4.33 13.34 19.75
C ASN A 296 2.96 13.90 19.40
N ALA A 297 1.99 13.77 20.30
CA ALA A 297 0.63 14.17 19.96
C ALA A 297 0.47 15.68 19.72
N ARG A 298 1.37 16.49 20.27
CA ARG A 298 1.29 17.92 20.05
C ARG A 298 1.87 18.34 18.69
N GLY A 299 2.55 17.41 18.03
CA GLY A 299 3.21 17.70 16.76
C GLY A 299 4.71 17.64 16.96
N LEU A 300 5.40 18.65 16.46
CA LEU A 300 6.85 18.77 16.54
C LEU A 300 7.17 19.67 17.71
N THR A 301 7.52 19.08 18.86
CA THR A 301 7.68 19.87 20.09
C THR A 301 9.10 20.30 20.43
N SER A 302 10.09 19.58 19.89
CA SER A 302 11.53 19.84 20.13
C SER A 302 12.44 19.56 18.94
N VAL A 303 13.58 20.29 18.94
CA VAL A 303 14.68 20.08 18.00
C VAL A 303 15.90 19.62 18.77
N ILE A 304 16.68 18.74 18.17
CA ILE A 304 17.91 18.27 18.80
C ILE A 304 19.10 19.16 18.43
N ASN A 305 19.73 19.74 19.46
CA ASN A 305 20.96 20.52 19.27
C ASN A 305 22.10 19.54 18.99
N GLN A 306 22.72 19.62 17.82
CA GLN A 306 23.82 18.74 17.53
C GLN A 306 25.16 19.48 17.59
N LYS A 307 26.24 18.70 17.62
CA LYS A 307 27.59 19.23 17.63
C LYS A 307 28.14 18.93 16.25
N LEU A 308 27.67 19.69 15.26
CA LEU A 308 28.03 19.47 13.86
C LEU A 308 29.45 19.90 13.58
N LYS A 309 30.20 19.14 12.78
CA LYS A 309 31.54 19.58 12.35
C LYS A 309 31.42 20.87 11.50
N ASP A 310 32.53 21.63 11.39
CA ASP A 310 32.55 22.87 10.64
C ASP A 310 32.10 22.64 9.21
N ASP A 311 32.56 21.57 8.59
CA ASP A 311 32.13 21.31 7.22
C ASP A 311 30.65 20.95 7.15
N GLU A 312 30.14 20.35 8.23
CA GLU A 312 28.75 19.98 8.27
C GLU A 312 27.94 21.25 8.43
N VAL A 313 28.35 22.13 9.34
CA VAL A 313 27.66 23.40 9.49
C VAL A 313 27.76 24.13 8.17
N ALA A 314 28.92 24.16 7.54
CA ALA A 314 29.02 24.84 6.24
C ALA A 314 27.99 24.33 5.19
N GLN A 315 27.90 23.02 5.03
CA GLN A 315 26.95 22.48 4.08
C GLN A 315 25.52 22.81 4.51
N LEU A 316 25.26 22.85 5.82
CA LEU A 316 23.91 23.14 6.28
C LEU A 316 23.56 24.54 5.87
N LYS A 317 24.47 25.48 6.14
CA LYS A 317 24.21 26.88 5.82
C LYS A 317 23.99 27.07 4.32
N LYS A 318 24.76 26.35 3.54
CA LYS A 318 24.64 26.42 2.10
C LYS A 318 23.24 25.93 1.67
N SER A 319 22.71 24.95 2.37
CA SER A 319 21.39 24.41 2.06
C SER A 319 20.38 25.47 2.46
N ALA A 320 20.60 26.07 3.64
CA ALA A 320 19.71 27.14 4.10
C ALA A 320 19.71 28.31 3.14
N ASP A 321 20.87 28.65 2.58
CA ASP A 321 20.95 29.76 1.64
C ASP A 321 20.20 29.46 0.33
N THR A 322 20.37 28.25 -0.18
CA THR A 322 19.69 27.85 -1.41
C THR A 322 18.18 28.03 -1.24
N LEU A 323 17.66 27.59 -0.10
CA LEU A 323 16.23 27.69 0.20
C LEU A 323 15.76 29.13 0.41
N TRP A 324 16.45 29.85 1.28
CA TRP A 324 16.06 31.21 1.58
C TRP A 324 16.00 32.09 0.33
N ASP A 325 16.92 31.84 -0.60
CA ASP A 325 16.96 32.60 -1.85
C ASP A 325 15.64 32.50 -2.63
N ILE A 326 14.97 31.35 -2.51
CA ILE A 326 13.66 31.18 -3.14
C ILE A 326 12.56 31.73 -2.23
N GLN A 327 12.61 31.37 -0.95
CA GLN A 327 11.61 31.90 -0.03
C GLN A 327 11.52 33.42 -0.04
N LYS A 328 12.66 34.09 -0.08
CA LYS A 328 12.71 35.53 0.14
C LYS A 328 11.87 36.31 -0.85
N ASP A 329 11.73 35.80 -2.08
CA ASP A 329 10.93 36.46 -3.10
C ASP A 329 9.45 36.01 -3.21
N LEU A 330 9.05 35.03 -2.40
CA LEU A 330 7.66 34.56 -2.43
C LEU A 330 6.72 35.72 -2.13
N LYS A 331 5.71 35.84 -2.96
CA LYS A 331 4.78 36.97 -2.93
C LYS A 331 3.41 36.60 -2.34
N ASP A 332 2.80 37.52 -1.63
CA ASP A 332 1.52 37.18 -1.05
C ASP A 332 0.33 37.96 -1.61
N ALA B 1 40.74 -5.40 4.50
CA ALA B 1 40.66 -4.31 5.51
C ALA B 1 39.51 -3.35 5.23
N THR B 2 38.38 -3.86 4.75
CA THR B 2 37.21 -3.03 4.51
C THR B 2 36.61 -2.59 5.83
N LEU B 3 35.72 -1.58 5.79
CA LEU B 3 35.04 -1.12 6.99
C LEU B 3 34.25 -2.26 7.59
N LYS B 4 33.58 -3.01 6.73
CA LYS B 4 32.78 -4.11 7.16
C LYS B 4 33.65 -5.13 7.88
N GLU B 5 34.83 -5.37 7.34
CA GLU B 5 35.79 -6.27 7.96
C GLU B 5 36.22 -5.77 9.32
N LYS B 6 36.39 -4.46 9.44
CA LYS B 6 36.81 -3.88 10.72
C LYS B 6 35.71 -3.83 11.80
N LEU B 7 34.50 -3.52 11.36
CA LEU B 7 33.38 -3.36 12.26
C LEU B 7 32.69 -4.67 12.67
N ILE B 8 32.64 -5.63 11.74
CA ILE B 8 31.87 -6.86 11.92
C ILE B 8 32.69 -8.17 11.93
N ALA B 9 32.66 -8.87 13.06
CA ALA B 9 33.42 -10.11 13.25
C ALA B 9 32.51 -11.34 13.16
N PRO B 10 32.68 -12.15 12.13
CA PRO B 10 31.85 -13.34 11.91
C PRO B 10 31.92 -14.31 13.07
N VAL B 11 30.77 -14.77 13.58
CA VAL B 11 30.75 -15.76 14.64
C VAL B 11 30.65 -17.13 14.02
N ALA B 12 29.62 -17.32 13.21
CA ALA B 12 29.38 -18.62 12.57
C ALA B 12 29.96 -18.74 11.18
N GLU B 13 31.01 -17.98 10.89
CA GLU B 13 31.64 -18.06 9.58
C GLU B 13 30.73 -18.02 8.36
N GLU B 14 30.40 -16.83 7.89
CA GLU B 14 29.75 -16.70 6.60
C GLU B 14 28.23 -16.74 6.53
N GLU B 15 27.69 -15.86 5.69
CA GLU B 15 26.28 -15.68 5.48
C GLU B 15 25.83 -16.43 4.24
N ALA B 16 24.56 -16.83 4.26
CA ALA B 16 23.87 -17.51 3.18
C ALA B 16 22.61 -17.97 3.85
N THR B 17 21.46 -17.47 3.42
CA THR B 17 20.26 -17.85 4.15
C THR B 17 19.60 -19.04 3.48
N VAL B 18 19.02 -19.92 4.28
CA VAL B 18 18.27 -21.05 3.81
C VAL B 18 16.94 -20.56 3.20
N PRO B 19 16.65 -20.89 1.94
CA PRO B 19 15.37 -20.45 1.35
C PRO B 19 14.24 -20.67 2.34
N ASN B 20 13.38 -19.67 2.57
CA ASN B 20 12.31 -19.79 3.57
C ASN B 20 11.04 -19.09 3.08
N ASN B 21 10.62 -18.04 3.80
CA ASN B 21 9.35 -17.39 3.48
C ASN B 21 9.44 -16.40 2.31
N LYS B 22 9.89 -16.89 1.16
CA LYS B 22 10.03 -16.03 0.01
C LYS B 22 8.75 -16.01 -0.84
N ILE B 23 8.38 -14.80 -1.26
CA ILE B 23 7.22 -14.61 -2.09
C ILE B 23 7.57 -13.82 -3.37
N THR B 24 6.97 -14.23 -4.48
CA THR B 24 7.17 -13.53 -5.73
C THR B 24 5.86 -12.91 -6.17
N VAL B 25 5.88 -11.68 -6.63
CA VAL B 25 4.67 -11.13 -7.23
C VAL B 25 5.02 -10.97 -8.72
N VAL B 26 4.23 -11.57 -9.62
CA VAL B 26 4.52 -11.46 -11.04
C VAL B 26 3.60 -10.39 -11.59
N GLY B 27 4.18 -9.35 -12.20
CA GLY B 27 3.42 -8.21 -12.72
C GLY B 27 3.54 -7.10 -11.68
N VAL B 28 4.02 -5.93 -12.08
CA VAL B 28 4.17 -4.81 -11.16
C VAL B 28 3.29 -3.64 -11.55
N GLY B 29 2.10 -4.01 -12.02
CA GLY B 29 1.09 -3.04 -12.37
C GLY B 29 0.28 -2.60 -11.14
N GLN B 30 -0.88 -2.01 -11.37
CA GLN B 30 -1.68 -1.49 -10.21
C GLN B 30 -1.94 -2.54 -9.15
N VAL B 31 -2.28 -3.74 -9.61
CA VAL B 31 -2.65 -4.81 -8.69
C VAL B 31 -1.41 -5.43 -8.06
N GLY B 32 -0.41 -5.67 -8.88
CA GLY B 32 0.83 -6.28 -8.40
C GLY B 32 1.48 -5.46 -7.27
N MET B 33 1.54 -4.13 -7.41
CA MET B 33 2.23 -3.35 -6.38
C MET B 33 1.33 -3.29 -5.15
N ALA B 34 0.02 -3.31 -5.38
CA ALA B 34 -0.93 -3.24 -4.27
C ALA B 34 -0.78 -4.52 -3.43
N CYS B 35 -0.63 -5.66 -4.12
CA CYS B 35 -0.34 -6.90 -3.41
C CYS B 35 1.06 -6.76 -2.74
N ALA B 36 2.04 -6.29 -3.48
CA ALA B 36 3.39 -6.19 -2.88
C ALA B 36 3.40 -5.36 -1.58
N ILE B 37 2.80 -4.18 -1.62
CA ILE B 37 2.85 -3.31 -0.46
C ILE B 37 2.07 -3.94 0.70
N SER B 38 0.95 -4.60 0.41
CA SER B 38 0.16 -5.24 1.48
C SER B 38 0.89 -6.46 2.07
N ILE B 39 1.56 -7.22 1.21
CA ILE B 39 2.39 -8.32 1.71
C ILE B 39 3.51 -7.73 2.62
N LEU B 40 4.14 -6.65 2.15
CA LEU B 40 5.22 -6.02 2.93
C LEU B 40 4.72 -5.43 4.25
N GLY B 41 3.55 -4.81 4.24
CA GLY B 41 2.93 -4.19 5.42
C GLY B 41 2.67 -5.17 6.56
N LYS B 42 2.31 -6.41 6.22
CA LYS B 42 2.06 -7.41 7.24
C LYS B 42 3.25 -8.35 7.50
N SER B 43 4.43 -7.99 6.97
CA SER B 43 5.69 -8.74 7.20
C SER B 43 5.56 -10.23 6.85
N LEU B 44 5.00 -10.51 5.70
CA LEU B 44 4.70 -11.87 5.31
C LEU B 44 5.87 -12.52 4.61
N ALA B 45 6.75 -11.69 4.08
CA ALA B 45 7.88 -12.26 3.36
C ALA B 45 9.24 -11.96 3.97
N ASP B 46 10.12 -12.96 3.99
CA ASP B 46 11.50 -12.65 4.35
C ASP B 46 12.29 -12.35 3.05
N GLU B 47 11.69 -12.61 1.90
CA GLU B 47 12.31 -12.16 0.63
C GLU B 47 11.16 -11.93 -0.35
N LEU B 48 11.16 -10.80 -1.05
CA LEU B 48 10.11 -10.47 -2.03
C LEU B 48 10.79 -10.35 -3.35
N ALA B 49 10.32 -11.12 -4.32
CA ALA B 49 10.83 -11.01 -5.67
C ALA B 49 9.76 -10.43 -6.58
N LEU B 50 10.15 -9.51 -7.46
CA LEU B 50 9.22 -9.02 -8.47
C LEU B 50 9.69 -9.43 -9.90
N VAL B 51 8.74 -9.76 -10.76
CA VAL B 51 9.04 -10.07 -12.16
C VAL B 51 8.03 -9.36 -13.07
N ASP B 52 8.51 -8.77 -14.16
CA ASP B 52 7.64 -8.16 -15.16
C ASP B 52 8.44 -8.08 -16.47
N VAL B 53 7.77 -7.95 -17.60
CA VAL B 53 8.55 -7.69 -18.82
C VAL B 53 8.96 -6.18 -18.92
N LEU B 54 8.30 -5.30 -18.19
CA LEU B 54 8.66 -3.86 -18.23
C LEU B 54 9.86 -3.59 -17.30
N GLU B 55 11.03 -3.76 -17.88
CA GLU B 55 12.28 -3.74 -17.14
C GLU B 55 12.52 -2.45 -16.34
N ASP B 56 12.31 -1.31 -16.99
CA ASP B 56 12.50 0.00 -16.35
C ASP B 56 11.56 0.14 -15.19
N LYS B 57 10.28 -0.10 -15.43
CA LYS B 57 9.27 0.09 -14.38
C LYS B 57 9.56 -0.86 -13.22
N LEU B 58 9.92 -2.08 -13.57
CA LEU B 58 10.24 -3.11 -12.61
C LEU B 58 11.38 -2.67 -11.67
N LYS B 59 12.49 -2.23 -12.23
CA LYS B 59 13.61 -1.76 -11.44
C LYS B 59 13.23 -0.61 -10.50
N GLY B 60 12.44 0.35 -11.01
CA GLY B 60 11.99 1.50 -10.22
C GLY B 60 11.03 1.13 -9.10
N GLU B 61 10.10 0.21 -9.36
CA GLU B 61 9.23 -0.27 -8.32
C GLU B 61 10.09 -0.90 -7.23
N MET B 62 11.09 -1.69 -7.65
CA MET B 62 11.97 -2.38 -6.72
C MET B 62 12.71 -1.39 -5.84
N MET B 63 13.29 -0.38 -6.47
CA MET B 63 14.03 0.61 -5.71
C MET B 63 13.20 1.37 -4.69
N ASP B 64 11.96 1.66 -5.09
CA ASP B 64 11.06 2.46 -4.26
C ASP B 64 10.71 1.65 -3.01
N LEU B 65 10.37 0.37 -3.18
CA LEU B 65 10.12 -0.52 -2.05
C LEU B 65 11.34 -0.59 -1.17
N GLN B 66 12.51 -0.84 -1.78
CA GLN B 66 13.73 -0.90 -1.00
C GLN B 66 13.94 0.37 -0.17
N HIS B 67 13.61 1.53 -0.72
CA HIS B 67 13.84 2.79 0.01
C HIS B 67 13.03 2.85 1.27
N GLY B 68 11.99 2.00 1.35
CA GLY B 68 11.09 1.94 2.50
C GLY B 68 11.50 0.90 3.53
N SER B 69 12.58 0.18 3.24
CA SER B 69 13.04 -0.93 4.07
C SER B 69 13.13 -0.64 5.56
N LEU B 70 13.50 0.58 5.93
CA LEU B 70 13.67 0.93 7.33
C LEU B 70 12.37 0.67 8.12
N PHE B 71 11.24 0.87 7.46
CA PHE B 71 9.92 0.78 8.04
C PHE B 71 9.30 -0.61 7.86
N LEU B 72 10.08 -1.56 7.36
CA LEU B 72 9.51 -2.87 7.04
C LEU B 72 10.29 -4.00 7.69
N GLN B 73 9.84 -5.23 7.44
CA GLN B 73 10.52 -6.39 7.99
C GLN B 73 10.79 -7.43 6.92
N THR B 74 11.35 -6.98 5.80
CA THR B 74 11.68 -7.90 4.73
C THR B 74 13.10 -7.58 4.31
N PRO B 75 14.06 -8.39 4.69
CA PRO B 75 15.46 -8.02 4.47
C PRO B 75 15.93 -8.08 3.01
N LYS B 76 15.14 -8.62 2.11
CA LYS B 76 15.66 -8.72 0.76
C LYS B 76 14.57 -8.54 -0.28
N ILE B 77 14.76 -7.57 -1.16
CA ILE B 77 13.79 -7.32 -2.20
C ILE B 77 14.54 -7.28 -3.49
N VAL B 78 14.12 -8.10 -4.44
CA VAL B 78 14.83 -8.20 -5.70
C VAL B 78 13.84 -8.20 -6.84
N ALA B 79 14.34 -7.95 -8.05
CA ALA B 79 13.44 -7.84 -9.20
C ALA B 79 14.16 -8.07 -10.50
N ASP B 80 13.57 -8.88 -11.37
CA ASP B 80 14.22 -9.06 -12.66
C ASP B 80 13.21 -9.56 -13.68
N LYS B 81 13.43 -9.19 -14.94
CA LYS B 81 12.66 -9.71 -16.05
C LYS B 81 12.88 -11.24 -16.09
N ASP B 82 14.10 -11.68 -15.81
CA ASP B 82 14.43 -13.09 -15.83
C ASP B 82 13.94 -13.85 -14.55
N TYR B 83 13.31 -15.02 -14.73
CA TYR B 83 12.70 -15.76 -13.62
C TYR B 83 13.65 -16.38 -12.60
N SER B 84 14.95 -16.40 -12.87
CA SER B 84 15.89 -16.88 -11.89
C SER B 84 15.82 -16.11 -10.54
N VAL B 85 15.37 -14.85 -10.53
CA VAL B 85 15.29 -14.13 -9.26
C VAL B 85 14.15 -14.66 -8.37
N THR B 86 13.26 -15.46 -8.96
CA THR B 86 12.12 -15.96 -8.22
C THR B 86 12.37 -17.34 -7.61
N ALA B 87 13.57 -17.89 -7.83
CA ALA B 87 13.90 -19.23 -7.39
C ALA B 87 13.56 -19.46 -5.91
N ASN B 88 12.97 -20.62 -5.64
CA ASN B 88 12.61 -21.13 -4.34
C ASN B 88 11.62 -20.32 -3.56
N SER B 89 10.57 -19.85 -4.24
CA SER B 89 9.55 -19.06 -3.55
C SER B 89 8.57 -20.04 -2.92
N LYS B 90 8.05 -19.74 -1.74
CA LYS B 90 6.97 -20.54 -1.18
C LYS B 90 5.66 -20.20 -1.91
N ILE B 91 5.50 -18.94 -2.26
CA ILE B 91 4.22 -18.52 -2.85
C ILE B 91 4.48 -17.57 -3.97
N VAL B 92 3.73 -17.73 -5.06
CA VAL B 92 3.85 -16.88 -6.23
C VAL B 92 2.45 -16.30 -6.58
N VAL B 93 2.34 -14.96 -6.66
CA VAL B 93 1.08 -14.30 -6.94
C VAL B 93 1.19 -13.79 -8.37
N VAL B 94 0.23 -14.17 -9.22
CA VAL B 94 0.29 -13.83 -10.65
C VAL B 94 -0.77 -12.77 -10.94
N THR B 95 -0.32 -11.57 -11.28
CA THR B 95 -1.26 -10.51 -11.57
C THR B 95 -0.92 -9.90 -12.93
N ALA B 96 -0.01 -10.51 -13.65
CA ALA B 96 0.40 -9.96 -14.93
C ALA B 96 -0.61 -10.18 -16.05
N GLY B 97 -0.58 -9.30 -17.05
CA GLY B 97 -1.49 -9.51 -18.14
C GLY B 97 -2.21 -8.25 -18.54
N VAL B 98 -3.19 -8.41 -19.41
CA VAL B 98 -4.00 -7.25 -19.77
C VAL B 98 -5.19 -7.21 -18.85
N ARG B 99 -5.75 -6.01 -18.69
CA ARG B 99 -6.91 -5.80 -17.84
C ARG B 99 -8.10 -5.32 -18.66
N GLN B 100 -9.23 -5.21 -17.97
CA GLN B 100 -10.48 -4.80 -18.60
C GLN B 100 -10.47 -3.32 -18.91
N GLN B 101 -10.97 -2.99 -20.09
CA GLN B 101 -11.20 -1.59 -20.44
C GLN B 101 -12.57 -1.17 -19.83
N GLU B 102 -12.79 0.13 -19.59
CA GLU B 102 -14.08 0.53 -19.06
C GLU B 102 -15.16 -0.13 -19.93
N GLY B 103 -16.01 -0.96 -19.31
CA GLY B 103 -17.07 -1.64 -20.04
C GLY B 103 -16.79 -3.08 -20.44
N GLU B 104 -15.55 -3.35 -20.86
CA GLU B 104 -15.10 -4.66 -21.35
C GLU B 104 -15.21 -5.80 -20.34
N SER B 105 -15.70 -6.96 -20.80
CA SER B 105 -15.83 -8.15 -19.96
C SER B 105 -14.47 -8.74 -19.63
N ARG B 106 -14.41 -9.55 -18.58
CA ARG B 106 -13.17 -10.22 -18.24
C ARG B 106 -12.83 -11.30 -19.29
N LEU B 107 -13.84 -11.87 -19.95
CA LEU B 107 -13.56 -12.94 -20.92
C LEU B 107 -12.97 -12.44 -22.25
N ASN B 108 -13.13 -11.15 -22.54
CA ASN B 108 -12.54 -10.57 -23.75
C ASN B 108 -10.99 -10.60 -23.69
N LEU B 109 -10.43 -10.80 -22.50
CA LEU B 109 -8.97 -10.83 -22.35
C LEU B 109 -8.35 -12.25 -22.49
N VAL B 110 -9.18 -13.27 -22.68
CA VAL B 110 -8.73 -14.65 -22.58
C VAL B 110 -7.54 -15.01 -23.46
N GLN B 111 -7.67 -14.72 -24.74
CA GLN B 111 -6.66 -15.09 -25.70
C GLN B 111 -5.32 -14.45 -25.43
N ARG B 112 -5.33 -13.13 -25.26
CA ARG B 112 -4.12 -12.40 -24.96
C ARG B 112 -3.51 -12.97 -23.67
N ASN B 113 -4.33 -13.08 -22.62
CA ASN B 113 -3.85 -13.63 -21.33
C ASN B 113 -3.48 -15.11 -21.35
N VAL B 114 -4.06 -15.89 -22.26
CA VAL B 114 -3.64 -17.31 -22.33
C VAL B 114 -2.20 -17.34 -22.85
N ASN B 115 -1.90 -16.43 -23.77
CA ASN B 115 -0.56 -16.34 -24.31
C ASN B 115 0.48 -15.88 -23.26
N VAL B 116 0.08 -14.94 -22.42
CA VAL B 116 0.92 -14.51 -21.33
C VAL B 116 1.24 -15.69 -20.37
N PHE B 117 0.19 -16.44 -20.01
CA PHE B 117 0.32 -17.51 -19.03
C PHE B 117 1.11 -18.68 -19.58
N LYS B 118 0.91 -18.99 -20.85
CA LYS B 118 1.66 -20.05 -21.51
C LYS B 118 3.14 -19.77 -21.34
N PHE B 119 3.52 -18.50 -21.18
CA PHE B 119 4.95 -18.25 -21.03
C PHE B 119 5.34 -18.23 -19.56
N ILE B 120 4.56 -17.50 -18.79
CA ILE B 120 4.87 -17.31 -17.38
C ILE B 120 4.76 -18.56 -16.51
N ILE B 121 3.71 -19.35 -16.66
CA ILE B 121 3.56 -20.47 -15.76
C ILE B 121 4.72 -21.45 -15.77
N PRO B 122 5.14 -21.91 -16.95
CA PRO B 122 6.29 -22.82 -16.96
C PRO B 122 7.54 -22.18 -16.33
N GLN B 123 7.71 -20.86 -16.44
CA GLN B 123 8.89 -20.24 -15.80
C GLN B 123 8.77 -20.35 -14.29
N ILE B 124 7.58 -20.04 -13.74
CA ILE B 124 7.38 -20.09 -12.30
C ILE B 124 7.74 -21.44 -11.73
N VAL B 125 7.22 -22.53 -12.33
CA VAL B 125 7.46 -23.87 -11.75
C VAL B 125 8.87 -24.34 -11.96
N LYS B 126 9.50 -23.90 -13.04
CA LYS B 126 10.88 -24.28 -13.25
C LYS B 126 11.77 -23.76 -12.10
N TYR B 127 11.58 -22.51 -11.69
CA TYR B 127 12.43 -21.90 -10.65
C TYR B 127 11.93 -22.14 -9.21
N SER B 128 10.62 -22.31 -9.06
CA SER B 128 10.04 -22.69 -7.77
C SER B 128 9.15 -23.95 -7.91
N PRO B 129 9.79 -25.12 -8.02
CA PRO B 129 9.07 -26.38 -8.16
C PRO B 129 8.13 -26.70 -7.00
N ASP B 130 8.31 -26.09 -5.84
CA ASP B 130 7.52 -26.40 -4.68
C ASP B 130 6.65 -25.23 -4.21
N CYS B 131 6.30 -24.31 -5.12
CA CYS B 131 5.48 -23.17 -4.68
C CYS B 131 3.98 -23.45 -4.66
N ILE B 132 3.27 -22.49 -4.09
CA ILE B 132 1.83 -22.40 -4.12
C ILE B 132 1.57 -21.23 -5.05
N ILE B 133 0.68 -21.40 -6.03
CA ILE B 133 0.35 -20.28 -6.88
C ILE B 133 -1.02 -19.68 -6.61
N ILE B 134 -1.06 -18.35 -6.48
CA ILE B 134 -2.32 -17.63 -6.33
C ILE B 134 -2.52 -16.87 -7.63
N VAL B 135 -3.59 -17.17 -8.35
CA VAL B 135 -3.90 -16.51 -9.59
C VAL B 135 -4.84 -15.35 -9.37
N VAL B 136 -4.43 -14.17 -9.84
CA VAL B 136 -5.27 -12.98 -9.73
C VAL B 136 -5.74 -12.49 -11.12
N SER B 137 -4.89 -12.62 -12.15
CA SER B 137 -5.25 -12.09 -13.50
C SER B 137 -6.61 -12.55 -14.05
N ASN B 138 -7.32 -11.69 -14.77
CA ASN B 138 -8.64 -12.04 -15.36
C ASN B 138 -8.49 -12.53 -16.80
N PRO B 139 -9.42 -13.38 -17.24
CA PRO B 139 -10.53 -13.89 -16.43
C PRO B 139 -10.01 -14.92 -15.44
N VAL B 140 -10.24 -14.69 -14.14
CA VAL B 140 -9.56 -15.42 -13.08
C VAL B 140 -9.89 -16.92 -12.96
N ASP B 141 -11.15 -17.29 -13.12
CA ASP B 141 -11.45 -18.71 -13.00
C ASP B 141 -10.83 -19.49 -14.17
N ILE B 142 -10.93 -18.92 -15.36
CA ILE B 142 -10.33 -19.58 -16.50
C ILE B 142 -8.81 -19.67 -16.35
N LEU B 143 -8.19 -18.56 -15.95
CA LEU B 143 -6.73 -18.54 -15.84
C LEU B 143 -6.22 -19.42 -14.72
N THR B 144 -7.02 -19.55 -13.67
CA THR B 144 -6.68 -20.52 -12.63
C THR B 144 -6.64 -21.94 -13.22
N TYR B 145 -7.59 -22.28 -14.06
CA TYR B 145 -7.57 -23.59 -14.74
C TYR B 145 -6.30 -23.73 -15.61
N VAL B 146 -6.02 -22.67 -16.38
CA VAL B 146 -4.87 -22.66 -17.29
C VAL B 146 -3.57 -22.83 -16.47
N THR B 147 -3.49 -22.14 -15.35
CA THR B 147 -2.33 -22.31 -14.48
C THR B 147 -2.23 -23.73 -13.94
N TRP B 148 -3.34 -24.30 -13.50
CA TRP B 148 -3.29 -25.66 -12.98
C TRP B 148 -2.71 -26.59 -14.04
N LYS B 149 -3.18 -26.47 -15.30
CA LYS B 149 -2.74 -27.38 -16.36
C LYS B 149 -1.32 -27.14 -16.77
N LEU B 150 -0.96 -25.88 -16.95
CA LEU B 150 0.41 -25.65 -17.35
C LEU B 150 1.37 -25.97 -16.23
N SER B 151 0.91 -25.83 -15.00
CA SER B 151 1.87 -25.97 -13.89
C SER B 151 2.19 -27.40 -13.56
N GLY B 152 1.27 -28.32 -13.80
CA GLY B 152 1.50 -29.68 -13.37
C GLY B 152 1.37 -29.84 -11.84
N LEU B 153 0.97 -28.78 -11.15
CA LEU B 153 0.83 -28.84 -9.69
C LEU B 153 -0.44 -29.54 -9.26
N PRO B 154 -0.45 -30.08 -8.04
CA PRO B 154 -1.65 -30.72 -7.50
C PRO B 154 -2.65 -29.61 -7.25
N LYS B 155 -3.93 -29.94 -7.25
CA LYS B 155 -4.93 -28.90 -7.07
C LYS B 155 -4.83 -28.08 -5.77
N HIS B 156 -4.30 -28.64 -4.69
CA HIS B 156 -4.24 -27.89 -3.45
C HIS B 156 -3.19 -26.77 -3.49
N ARG B 157 -2.39 -26.76 -4.55
CA ARG B 157 -1.35 -25.75 -4.69
C ARG B 157 -1.62 -24.69 -5.74
N VAL B 158 -2.86 -24.69 -6.26
CA VAL B 158 -3.25 -23.70 -7.26
C VAL B 158 -4.54 -23.07 -6.81
N ILE B 159 -4.48 -21.78 -6.49
CA ILE B 159 -5.63 -21.15 -5.87
C ILE B 159 -6.01 -19.92 -6.69
N GLY B 160 -7.27 -19.81 -7.07
CA GLY B 160 -7.73 -18.62 -7.78
C GLY B 160 -8.31 -17.64 -6.76
N SER B 161 -7.96 -16.36 -6.83
CA SER B 161 -8.48 -15.42 -5.85
C SER B 161 -10.01 -15.42 -5.87
N GLY B 162 -10.56 -15.75 -7.04
CA GLY B 162 -11.98 -15.99 -7.19
C GLY B 162 -12.92 -14.95 -6.59
N CYS B 163 -13.76 -15.40 -5.66
CA CYS B 163 -14.77 -14.55 -5.03
C CYS B 163 -14.35 -14.04 -3.65
N ASN B 164 -13.04 -14.05 -3.35
CA ASN B 164 -12.60 -13.55 -2.07
C ASN B 164 -12.90 -12.05 -2.05
N LEU B 165 -12.61 -11.39 -3.17
CA LEU B 165 -12.89 -9.96 -3.28
C LEU B 165 -14.42 -9.66 -3.34
N ASP B 166 -15.16 -10.49 -4.10
CA ASP B 166 -16.61 -10.33 -4.20
C ASP B 166 -17.23 -10.39 -2.82
N SER B 167 -16.82 -11.37 -2.02
CA SER B 167 -17.36 -11.55 -0.70
C SER B 167 -16.97 -10.38 0.24
N ALA B 168 -15.77 -9.84 0.06
CA ALA B 168 -15.31 -8.72 0.89
C ALA B 168 -16.21 -7.53 0.60
N ARG B 169 -16.48 -7.32 -0.67
CA ARG B 169 -17.37 -6.25 -1.10
C ARG B 169 -18.75 -6.47 -0.53
N PHE B 170 -19.21 -7.69 -0.62
CA PHE B 170 -20.51 -8.01 -0.08
C PHE B 170 -20.59 -7.74 1.39
N ARG B 171 -19.56 -8.11 2.16
CA ARG B 171 -19.64 -7.89 3.59
C ARG B 171 -19.57 -6.39 3.91
N TYR B 172 -18.82 -5.65 3.09
CA TYR B 172 -18.74 -4.22 3.26
C TYR B 172 -20.13 -3.62 3.04
N LEU B 173 -20.81 -4.05 1.99
CA LEU B 173 -22.12 -3.51 1.68
C LEU B 173 -23.16 -3.87 2.75
N MET B 174 -23.04 -5.07 3.29
CA MET B 174 -23.95 -5.48 4.32
C MET B 174 -23.66 -4.63 5.57
N ALA B 175 -22.40 -4.40 5.83
CA ALA B 175 -22.01 -3.64 7.00
C ALA B 175 -22.51 -2.22 6.93
N GLU B 176 -22.54 -1.66 5.73
CA GLU B 176 -22.98 -0.29 5.51
C GLU B 176 -24.48 -0.19 5.81
N LYS B 177 -25.24 -1.21 5.48
CA LYS B 177 -26.67 -1.23 5.79
C LYS B 177 -26.95 -1.38 7.30
N LEU B 178 -26.09 -2.06 8.04
CA LEU B 178 -26.35 -2.30 9.44
C LEU B 178 -25.62 -1.36 10.36
N GLY B 179 -24.58 -0.70 9.86
CA GLY B 179 -23.80 0.18 10.70
C GLY B 179 -22.87 -0.56 11.67
N ILE B 180 -22.34 -1.72 11.26
CA ILE B 180 -21.37 -2.45 12.08
C ILE B 180 -20.13 -2.78 11.25
N HIS B 181 -19.15 -3.39 11.89
CA HIS B 181 -17.93 -3.69 11.18
C HIS B 181 -18.19 -4.85 10.24
N PRO B 182 -17.63 -4.83 9.03
CA PRO B 182 -17.80 -5.95 8.11
C PRO B 182 -17.38 -7.30 8.71
N SER B 183 -16.34 -7.34 9.55
CA SER B 183 -16.00 -8.61 10.19
C SER B 183 -17.17 -9.19 11.05
N SER B 184 -18.12 -8.33 11.45
CA SER B 184 -19.27 -8.84 12.19
C SER B 184 -20.43 -9.23 11.28
N CYS B 185 -20.28 -9.00 9.97
CA CYS B 185 -21.24 -9.41 8.95
C CYS B 185 -20.78 -10.69 8.25
N HIS B 186 -21.69 -11.64 8.05
CA HIS B 186 -21.31 -12.92 7.43
C HIS B 186 -22.21 -13.20 6.23
N GLY B 187 -21.61 -13.60 5.12
CA GLY B 187 -22.37 -13.87 3.92
C GLY B 187 -21.36 -14.29 2.88
N TRP B 188 -21.78 -15.20 2.02
CA TRP B 188 -20.88 -15.79 1.06
C TRP B 188 -21.32 -15.58 -0.40
N ILE B 189 -20.42 -15.00 -1.19
CA ILE B 189 -20.57 -14.89 -2.63
C ILE B 189 -19.66 -15.96 -3.20
N LEU B 190 -20.25 -16.94 -3.89
CA LEU B 190 -19.50 -18.08 -4.37
C LEU B 190 -19.59 -18.20 -5.89
N GLY B 191 -18.94 -19.20 -6.44
CA GLY B 191 -19.05 -19.42 -7.86
C GLY B 191 -18.09 -18.62 -8.70
N GLU B 192 -18.60 -17.97 -9.74
CA GLU B 192 -17.74 -17.27 -10.68
C GLU B 192 -17.41 -15.88 -10.16
N HIS B 193 -16.14 -15.52 -10.19
CA HIS B 193 -15.75 -14.16 -9.81
C HIS B 193 -16.62 -13.04 -10.46
N GLY B 194 -16.98 -13.10 -11.72
CA GLY B 194 -17.62 -11.85 -12.14
C GLY B 194 -19.12 -11.58 -12.01
N ASP B 195 -19.68 -11.44 -13.19
CA ASP B 195 -21.07 -11.27 -13.46
C ASP B 195 -21.96 -12.33 -12.86
N SER B 196 -21.50 -13.57 -12.89
CA SER B 196 -22.42 -14.65 -12.56
C SER B 196 -22.26 -15.23 -11.18
N SER B 197 -21.65 -14.47 -10.26
CA SER B 197 -21.45 -14.95 -8.88
C SER B 197 -22.78 -15.29 -8.22
N VAL B 198 -22.72 -16.12 -7.19
CA VAL B 198 -23.92 -16.53 -6.47
C VAL B 198 -23.89 -16.07 -5.03
N ALA B 199 -24.97 -15.43 -4.60
CA ALA B 199 -25.13 -15.01 -3.21
C ALA B 199 -25.87 -16.10 -2.42
N VAL B 200 -25.22 -16.75 -1.46
CA VAL B 200 -25.87 -17.84 -0.76
C VAL B 200 -26.68 -17.25 0.39
N TRP B 201 -27.95 -16.96 0.09
CA TRP B 201 -28.74 -16.15 1.04
C TRP B 201 -28.91 -16.81 2.38
N SER B 202 -29.02 -18.13 2.38
CA SER B 202 -29.23 -18.88 3.60
C SER B 202 -28.11 -18.70 4.64
N GLY B 203 -26.93 -18.33 4.21
CA GLY B 203 -25.84 -18.16 5.13
C GLY B 203 -25.61 -16.70 5.56
N VAL B 204 -26.41 -15.77 5.06
CA VAL B 204 -26.21 -14.40 5.45
C VAL B 204 -26.78 -14.23 6.84
N ASN B 205 -25.93 -13.85 7.80
CA ASN B 205 -26.40 -13.69 9.19
C ASN B 205 -25.56 -12.71 9.96
N VAL B 206 -26.09 -12.24 11.08
CA VAL B 206 -25.33 -11.40 12.00
C VAL B 206 -25.48 -12.06 13.37
N ALA B 207 -24.37 -12.36 14.04
CA ALA B 207 -24.36 -13.03 15.35
C ALA B 207 -25.13 -14.36 15.35
N GLY B 208 -25.16 -15.00 14.21
CA GLY B 208 -25.84 -16.27 14.13
C GLY B 208 -27.30 -16.11 13.77
N VAL B 209 -27.82 -14.91 13.73
CA VAL B 209 -29.22 -14.85 13.31
C VAL B 209 -29.41 -14.75 11.78
N SER B 210 -30.05 -15.79 11.25
CA SER B 210 -30.44 -15.87 9.84
C SER B 210 -31.28 -14.69 9.44
N LEU B 211 -30.78 -13.92 8.52
CA LEU B 211 -31.53 -12.77 8.05
C LEU B 211 -32.60 -13.28 7.05
N GLN B 212 -32.28 -14.32 6.31
CA GLN B 212 -33.26 -14.90 5.42
C GLN B 212 -34.49 -15.37 6.21
N GLU B 213 -34.27 -16.13 7.30
CA GLU B 213 -35.39 -16.56 8.16
C GLU B 213 -36.21 -15.37 8.65
N LEU B 214 -35.52 -14.31 9.00
CA LEU B 214 -36.15 -13.06 9.41
C LEU B 214 -36.87 -12.41 8.21
N ASN B 215 -36.30 -12.56 7.01
CA ASN B 215 -36.89 -12.00 5.80
C ASN B 215 -36.88 -13.02 4.67
N PRO B 216 -37.88 -13.90 4.65
CA PRO B 216 -37.94 -14.97 3.64
C PRO B 216 -37.96 -14.44 2.20
N GLU B 217 -38.28 -13.17 2.01
CA GLU B 217 -38.21 -12.64 0.65
C GLU B 217 -36.79 -12.20 0.25
N MET B 218 -35.83 -12.42 1.12
CA MET B 218 -34.43 -12.09 0.79
C MET B 218 -34.02 -12.70 -0.53
N GLY B 219 -33.50 -11.90 -1.45
CA GLY B 219 -33.01 -12.45 -2.70
C GLY B 219 -33.99 -12.45 -3.85
N THR B 220 -35.27 -12.19 -3.56
CA THR B 220 -36.29 -12.14 -4.62
C THR B 220 -36.51 -10.71 -5.08
N ASP B 221 -37.32 -10.52 -6.12
CA ASP B 221 -37.58 -9.19 -6.66
C ASP B 221 -38.70 -8.45 -5.94
N ASN B 222 -39.10 -8.96 -4.79
CA ASN B 222 -40.20 -8.39 -4.05
C ASN B 222 -39.83 -8.38 -2.58
N ASP B 223 -38.75 -7.69 -2.26
CA ASP B 223 -38.13 -7.70 -0.95
C ASP B 223 -37.96 -6.27 -0.50
N SER B 224 -38.54 -5.95 0.65
CA SER B 224 -38.47 -4.60 1.19
C SER B 224 -37.03 -4.25 1.57
N GLU B 225 -36.20 -5.26 1.80
CA GLU B 225 -34.83 -4.97 2.18
C GLU B 225 -33.91 -4.86 0.95
N ASN B 226 -34.40 -5.25 -0.22
CA ASN B 226 -33.63 -5.13 -1.47
C ASN B 226 -32.26 -5.81 -1.40
N TRP B 227 -32.27 -7.07 -0.97
CA TRP B 227 -31.01 -7.78 -0.85
C TRP B 227 -30.43 -8.06 -2.23
N LYS B 228 -31.31 -8.30 -3.19
CA LYS B 228 -30.82 -8.55 -4.53
C LYS B 228 -30.06 -7.35 -5.09
N GLU B 229 -30.47 -6.15 -4.72
CA GLU B 229 -29.76 -4.96 -5.18
C GLU B 229 -28.33 -4.99 -4.59
N VAL B 230 -28.18 -5.47 -3.37
CA VAL B 230 -26.85 -5.59 -2.76
C VAL B 230 -25.93 -6.47 -3.62
N HIS B 231 -26.40 -7.66 -3.97
CA HIS B 231 -25.63 -8.59 -4.81
C HIS B 231 -25.33 -7.93 -6.13
N LYS B 232 -26.34 -7.28 -6.71
CA LYS B 232 -26.16 -6.54 -7.96
C LYS B 232 -25.04 -5.54 -7.78
N MET B 233 -25.00 -4.87 -6.63
CA MET B 233 -23.94 -3.91 -6.43
C MET B 233 -22.58 -4.66 -6.36
N VAL B 234 -22.54 -5.79 -5.69
CA VAL B 234 -21.28 -6.52 -5.65
C VAL B 234 -20.86 -6.78 -7.11
N VAL B 235 -21.81 -7.15 -7.94
CA VAL B 235 -21.49 -7.44 -9.34
C VAL B 235 -21.02 -6.24 -10.13
N GLU B 236 -21.64 -5.08 -9.93
CA GLU B 236 -21.29 -3.94 -10.77
C GLU B 236 -19.99 -3.28 -10.28
N SER B 237 -19.51 -3.72 -9.12
CA SER B 237 -18.35 -3.12 -8.47
C SER B 237 -17.18 -2.88 -9.39
N ALA B 238 -16.57 -3.93 -9.91
CA ALA B 238 -15.44 -3.71 -10.80
C ALA B 238 -15.72 -2.56 -11.77
N TYR B 239 -16.88 -2.65 -12.40
CA TYR B 239 -17.30 -1.72 -13.41
C TYR B 239 -17.32 -0.27 -12.93
N GLU B 240 -18.06 0.02 -11.85
CA GLU B 240 -18.14 1.39 -11.36
C GLU B 240 -16.75 1.94 -11.00
N VAL B 241 -15.97 1.18 -10.25
CA VAL B 241 -14.63 1.63 -9.89
C VAL B 241 -13.74 1.76 -11.12
N ILE B 242 -13.87 0.85 -12.07
CA ILE B 242 -13.04 0.99 -13.26
C ILE B 242 -13.42 2.25 -13.99
N LYS B 243 -14.71 2.53 -14.08
CA LYS B 243 -15.17 3.73 -14.77
C LYS B 243 -14.62 4.99 -14.08
N LEU B 244 -14.43 4.92 -12.77
CA LEU B 244 -14.04 6.10 -11.99
C LEU B 244 -12.55 6.43 -11.94
N LYS B 245 -11.73 5.40 -11.73
CA LYS B 245 -10.28 5.54 -11.56
C LYS B 245 -9.47 4.65 -12.53
N GLY B 246 -10.15 3.84 -13.34
CA GLY B 246 -9.45 3.15 -14.42
C GLY B 246 -9.13 1.67 -14.21
N TYR B 247 -9.14 1.24 -12.95
CA TYR B 247 -8.78 -0.11 -12.56
C TYR B 247 -9.19 -0.23 -11.09
N THR B 248 -9.08 -1.42 -10.48
CA THR B 248 -9.20 -1.57 -9.02
C THR B 248 -7.94 -2.26 -8.55
N ASN B 249 -7.50 -1.97 -7.33
CA ASN B 249 -6.26 -2.58 -6.84
C ASN B 249 -6.18 -2.71 -5.32
N TRP B 250 -6.62 -1.70 -4.60
CA TRP B 250 -6.43 -1.72 -3.15
C TRP B 250 -7.14 -2.88 -2.50
N ALA B 251 -8.40 -3.07 -2.85
CA ALA B 251 -9.18 -4.14 -2.18
C ALA B 251 -8.63 -5.53 -2.52
N ILE B 252 -8.28 -5.74 -3.78
CA ILE B 252 -7.76 -7.05 -4.19
C ILE B 252 -6.39 -7.26 -3.56
N GLY B 253 -5.59 -6.19 -3.49
CA GLY B 253 -4.28 -6.27 -2.89
C GLY B 253 -4.39 -6.73 -1.43
N LEU B 254 -5.28 -6.11 -0.68
CA LEU B 254 -5.56 -6.50 0.70
C LEU B 254 -6.05 -7.95 0.83
N SER B 255 -6.96 -8.32 -0.06
CA SER B 255 -7.50 -9.66 -0.03
C SER B 255 -6.45 -10.76 -0.33
N VAL B 256 -5.54 -10.49 -1.26
CA VAL B 256 -4.45 -11.45 -1.53
C VAL B 256 -3.58 -11.57 -0.28
N ALA B 257 -3.21 -10.46 0.32
CA ALA B 257 -2.41 -10.52 1.53
C ALA B 257 -3.09 -11.35 2.64
N ASP B 258 -4.40 -11.22 2.74
CA ASP B 258 -5.13 -11.98 3.75
C ASP B 258 -5.03 -13.51 3.48
N LEU B 259 -5.04 -13.90 2.20
CA LEU B 259 -4.93 -15.31 1.88
C LEU B 259 -3.53 -15.82 2.25
N ILE B 260 -2.56 -14.96 2.05
CA ILE B 260 -1.19 -15.35 2.26
C ILE B 260 -0.95 -15.51 3.73
N GLU B 261 -1.53 -14.63 4.53
CA GLU B 261 -1.41 -14.71 5.98
C GLU B 261 -1.94 -16.06 6.49
N SER B 262 -3.14 -16.45 6.04
CA SER B 262 -3.71 -17.70 6.46
C SER B 262 -2.75 -18.83 6.18
N MET B 263 -2.13 -18.78 5.00
CA MET B 263 -1.18 -19.84 4.59
C MET B 263 0.18 -19.85 5.30
N LEU B 264 0.85 -18.71 5.37
CA LEU B 264 2.16 -18.71 5.99
C LEU B 264 2.07 -18.82 7.51
N LYS B 265 0.89 -18.55 8.05
CA LYS B 265 0.70 -18.74 9.48
C LYS B 265 0.02 -20.06 9.80
N ASN B 266 -0.25 -20.83 8.77
CA ASN B 266 -0.80 -22.18 8.95
C ASN B 266 -2.13 -22.16 9.69
N LEU B 267 -2.95 -21.13 9.44
CA LEU B 267 -4.16 -20.91 10.26
C LEU B 267 -5.34 -21.82 10.03
N SER B 268 -5.46 -22.37 8.81
CA SER B 268 -6.68 -23.11 8.42
C SER B 268 -7.93 -22.24 8.63
N ARG B 269 -7.86 -21.00 8.16
CA ARG B 269 -9.05 -20.15 8.10
C ARG B 269 -9.79 -20.45 6.79
N ILE B 270 -11.09 -20.11 6.73
CA ILE B 270 -11.86 -20.41 5.53
C ILE B 270 -12.11 -19.16 4.69
N HIS B 271 -11.85 -19.28 3.39
CA HIS B 271 -11.98 -18.17 2.45
C HIS B 271 -12.70 -18.66 1.20
N PRO B 272 -13.50 -17.78 0.60
CA PRO B 272 -14.18 -18.14 -0.64
C PRO B 272 -13.19 -17.91 -1.80
N VAL B 273 -12.36 -18.89 -2.10
CA VAL B 273 -11.44 -18.83 -3.22
C VAL B 273 -11.80 -19.94 -4.21
N SER B 274 -11.19 -19.92 -5.38
CA SER B 274 -11.57 -20.81 -6.44
C SER B 274 -10.74 -22.12 -6.50
N THR B 275 -11.43 -23.24 -6.46
CA THR B 275 -10.77 -24.53 -6.54
C THR B 275 -11.43 -25.40 -7.64
N MET B 276 -10.84 -26.53 -7.91
CA MET B 276 -11.31 -27.41 -8.98
C MET B 276 -12.53 -28.16 -8.50
N VAL B 277 -13.70 -27.84 -9.04
CA VAL B 277 -14.95 -28.34 -8.49
C VAL B 277 -15.60 -29.52 -9.22
N LYS B 278 -14.87 -30.10 -10.16
CA LYS B 278 -15.40 -31.27 -10.86
C LYS B 278 -15.93 -32.27 -9.86
N GLY B 279 -17.10 -32.83 -10.13
CA GLY B 279 -17.65 -33.85 -9.24
C GLY B 279 -18.38 -33.25 -8.05
N MET B 280 -18.53 -31.93 -8.06
CA MET B 280 -19.31 -31.27 -6.98
C MET B 280 -20.49 -30.60 -7.63
N TYR B 281 -21.59 -30.53 -6.90
CA TYR B 281 -22.81 -29.89 -7.37
C TYR B 281 -23.22 -30.30 -8.77
N GLY B 282 -22.90 -31.53 -9.16
CA GLY B 282 -23.31 -32.01 -10.47
C GLY B 282 -22.42 -31.59 -11.61
N ILE B 283 -21.34 -30.92 -11.28
CA ILE B 283 -20.41 -30.48 -12.31
C ILE B 283 -19.56 -31.63 -12.80
N GLU B 284 -19.47 -31.75 -14.11
CA GLU B 284 -18.81 -32.89 -14.67
C GLU B 284 -17.62 -32.53 -15.48
N ASN B 285 -17.27 -31.23 -15.56
CA ASN B 285 -16.03 -30.82 -16.24
C ASN B 285 -14.95 -30.24 -15.29
N GLU B 286 -13.70 -30.18 -15.76
CA GLU B 286 -12.59 -29.59 -15.00
C GLU B 286 -12.63 -28.05 -15.08
N VAL B 287 -13.15 -27.47 -14.02
CA VAL B 287 -13.42 -26.04 -13.98
C VAL B 287 -13.16 -25.58 -12.53
N PHE B 288 -12.84 -24.29 -12.37
CA PHE B 288 -12.51 -23.73 -11.06
C PHE B 288 -13.56 -22.71 -10.70
N LEU B 289 -14.19 -22.91 -9.55
CA LEU B 289 -15.20 -21.99 -9.06
C LEU B 289 -14.98 -21.81 -7.58
N SER B 290 -15.49 -20.71 -7.04
CA SER B 290 -15.28 -20.40 -5.64
C SER B 290 -16.23 -21.06 -4.71
N LEU B 291 -15.68 -21.63 -3.64
CA LEU B 291 -16.49 -22.24 -2.56
C LEU B 291 -15.73 -21.89 -1.28
N PRO B 292 -16.31 -22.12 -0.11
CA PRO B 292 -15.58 -21.82 1.13
C PRO B 292 -14.46 -22.85 1.33
N CYS B 293 -13.22 -22.40 1.27
CA CYS B 293 -12.12 -23.35 1.36
C CYS B 293 -11.19 -23.01 2.52
N ILE B 294 -10.59 -24.07 3.07
CA ILE B 294 -9.65 -23.99 4.18
C ILE B 294 -8.21 -23.78 3.68
N LEU B 295 -7.59 -22.66 4.08
CA LEU B 295 -6.21 -22.38 3.69
C LEU B 295 -5.22 -22.56 4.84
N ASN B 296 -4.09 -23.20 4.55
CA ASN B 296 -3.04 -23.36 5.54
C ASN B 296 -1.69 -23.53 4.83
N ALA B 297 -0.65 -23.91 5.56
CA ALA B 297 0.70 -23.97 5.02
C ALA B 297 0.90 -24.89 3.79
N ARG B 298 0.02 -25.86 3.64
CA ARG B 298 0.09 -26.75 2.48
C ARG B 298 -0.67 -26.15 1.33
N GLY B 299 -1.54 -25.19 1.63
CA GLY B 299 -2.31 -24.54 0.58
C GLY B 299 -3.79 -24.57 0.87
N LEU B 300 -4.51 -25.07 -0.10
CA LEU B 300 -5.94 -25.15 -0.04
C LEU B 300 -6.20 -26.64 0.13
N THR B 301 -6.35 -27.09 1.39
CA THR B 301 -6.44 -28.50 1.72
C THR B 301 -7.83 -29.11 1.75
N SER B 302 -8.85 -28.28 1.93
CA SER B 302 -10.21 -28.80 1.90
C SER B 302 -11.24 -27.74 1.56
N VAL B 303 -12.44 -28.22 1.26
CA VAL B 303 -13.57 -27.38 0.93
C VAL B 303 -14.77 -27.74 1.81
N ILE B 304 -15.61 -26.74 2.09
CA ILE B 304 -16.75 -26.95 2.97
C ILE B 304 -17.90 -27.48 2.16
N ASN B 305 -18.51 -28.56 2.63
CA ASN B 305 -19.71 -29.08 1.97
C ASN B 305 -20.91 -28.22 2.38
N GLN B 306 -21.68 -27.76 1.40
CA GLN B 306 -22.84 -26.93 1.72
C GLN B 306 -24.13 -27.56 1.17
N LYS B 307 -25.24 -27.18 1.78
CA LYS B 307 -26.56 -27.57 1.31
C LYS B 307 -27.05 -26.39 0.49
N LEU B 308 -26.88 -26.48 -0.82
CA LEU B 308 -27.28 -25.37 -1.72
C LEU B 308 -28.67 -25.56 -2.34
N LYS B 309 -29.43 -24.48 -2.54
CA LYS B 309 -30.73 -24.61 -3.20
C LYS B 309 -30.53 -24.97 -4.68
N ASP B 310 -31.64 -25.41 -5.31
CA ASP B 310 -31.67 -25.80 -6.72
C ASP B 310 -31.19 -24.68 -7.63
N ASP B 311 -31.66 -23.46 -7.41
CA ASP B 311 -31.24 -22.34 -8.25
C ASP B 311 -29.77 -21.95 -8.05
N GLU B 312 -29.23 -22.20 -6.87
CA GLU B 312 -27.84 -21.90 -6.62
C GLU B 312 -27.03 -22.99 -7.33
N VAL B 313 -27.45 -24.24 -7.18
CA VAL B 313 -26.74 -25.30 -7.88
C VAL B 313 -26.73 -24.97 -9.39
N ALA B 314 -27.89 -24.62 -9.92
CA ALA B 314 -28.06 -24.35 -11.36
C ALA B 314 -27.11 -23.28 -11.89
N GLN B 315 -26.96 -22.18 -11.16
CA GLN B 315 -26.03 -21.14 -11.58
C GLN B 315 -24.60 -21.72 -11.62
N LEU B 316 -24.23 -22.42 -10.56
CA LEU B 316 -22.92 -23.05 -10.50
C LEU B 316 -22.68 -23.92 -11.76
N LYS B 317 -23.68 -24.73 -12.10
CA LYS B 317 -23.63 -25.58 -13.29
C LYS B 317 -23.55 -24.74 -14.55
N LYS B 318 -24.32 -23.68 -14.56
CA LYS B 318 -24.34 -22.83 -15.74
C LYS B 318 -22.96 -22.19 -15.89
N SER B 319 -22.35 -21.76 -14.77
CA SER B 319 -21.03 -21.16 -14.87
C SER B 319 -20.03 -22.22 -15.38
N ALA B 320 -20.09 -23.42 -14.83
CA ALA B 320 -19.20 -24.51 -15.25
C ALA B 320 -19.27 -24.82 -16.74
N ASP B 321 -20.47 -24.79 -17.33
CA ASP B 321 -20.60 -25.04 -18.76
C ASP B 321 -19.99 -23.90 -19.55
N THR B 322 -20.28 -22.65 -19.17
CA THR B 322 -19.70 -21.53 -19.87
C THR B 322 -18.18 -21.59 -19.82
N LEU B 323 -17.62 -21.80 -18.63
CA LEU B 323 -16.18 -21.86 -18.50
C LEU B 323 -15.63 -22.98 -19.36
N TRP B 324 -16.25 -24.15 -19.28
CA TRP B 324 -15.79 -25.29 -20.05
C TRP B 324 -15.88 -25.00 -21.52
N ASP B 325 -16.87 -24.22 -21.90
CA ASP B 325 -17.05 -23.94 -23.32
C ASP B 325 -15.83 -23.18 -23.86
N ILE B 326 -15.17 -22.40 -23.01
CA ILE B 326 -13.97 -21.70 -23.42
C ILE B 326 -12.75 -22.62 -23.33
N GLN B 327 -12.67 -23.37 -22.23
CA GLN B 327 -11.50 -24.16 -21.92
C GLN B 327 -11.31 -25.32 -22.87
N LYS B 328 -12.40 -25.86 -23.41
CA LYS B 328 -12.25 -27.04 -24.28
C LYS B 328 -11.49 -26.78 -25.58
N ASP B 329 -11.45 -25.54 -26.03
CA ASP B 329 -10.76 -25.20 -27.26
C ASP B 329 -9.38 -24.65 -27.06
N LEU B 330 -8.93 -24.60 -25.80
CA LEU B 330 -7.61 -24.10 -25.46
C LEU B 330 -6.61 -25.20 -25.82
N LYS B 331 -5.57 -24.85 -26.57
CA LYS B 331 -4.62 -25.85 -27.02
C LYS B 331 -3.31 -25.77 -26.26
N ASP B 332 -2.62 -26.90 -26.21
CA ASP B 332 -1.30 -27.01 -25.62
C ASP B 332 -1.31 -26.60 -24.15
PA NAI C . 0.09 12.92 -8.85
O1A NAI C . 0.03 13.63 -10.12
O2A NAI C . 0.00 11.40 -8.96
O5B NAI C . -1.03 13.42 -7.83
C5B NAI C . -1.31 14.78 -7.65
C4B NAI C . -2.78 14.88 -7.24
O4B NAI C . -3.03 16.17 -6.73
C3B NAI C . -3.69 14.67 -8.45
O3B NAI C . -4.60 13.63 -8.16
C2B NAI C . -4.33 16.05 -8.65
O2B NAI C . -5.67 16.06 -9.17
C1B NAI C . -4.27 16.58 -7.22
N9A NAI C . -4.39 18.03 -7.22
C8A NAI C . -3.79 18.91 -8.08
N7A NAI C . -4.17 20.16 -7.71
C5A NAI C . -5.02 20.05 -6.65
C6A NAI C . -5.71 20.99 -5.91
N6A NAI C . -5.77 22.24 -6.35
N1A NAI C . -6.52 20.58 -4.86
C2A NAI C . -6.61 19.25 -4.56
N3A NAI C . -5.93 18.34 -5.31
C4A NAI C . -5.16 18.72 -6.34
O3 NAI C . 1.49 13.32 -8.13
PN NAI C . 2.19 12.45 -6.96
O1N NAI C . 3.14 11.55 -7.61
O2N NAI C . 1.11 11.98 -6.08
O5D NAI C . 3.04 13.58 -6.18
C5D NAI C . 2.39 14.50 -5.35
C4D NAI C . 3.35 15.54 -4.77
O4D NAI C . 4.22 14.90 -3.83
C3D NAI C . 4.24 16.24 -5.80
O3D NAI C . 4.39 17.62 -5.40
C2D NAI C . 5.55 15.48 -5.63
O2D NAI C . 6.71 16.16 -6.09
C1D NAI C . 5.57 15.23 -4.13
N1N NAI C . 6.48 14.19 -3.57
C2N NAI C . 7.10 14.48 -2.39
C3N NAI C . 7.94 13.58 -1.78
C7N NAI C . 8.60 14.00 -0.50
O7N NAI C . 9.57 13.15 -0.09
N7N NAI C . 8.27 15.09 0.17
C4N NAI C . 8.17 12.32 -2.32
C5N NAI C . 7.51 11.99 -3.53
C6N NAI C . 6.68 12.95 -4.13
C1 OXM D . 10.65 13.03 -4.30
N1 OXM D . 9.96 12.77 -5.42
O1 OXM D . 10.70 14.13 -3.66
C2 OXM D . 11.42 11.91 -3.75
O2 OXM D . 12.35 12.15 -2.96
O3 OXM D . 11.11 10.76 -4.11
PA NAI E . -1.78 -3.22 -15.14
O1A NAI E . -1.54 -2.03 -14.27
O2A NAI E . -1.97 -2.85 -16.59
O5B NAI E . -0.47 -4.15 -14.88
C5B NAI E . -0.36 -5.30 -15.69
C4B NAI E . 1.08 -5.78 -15.62
O4B NAI E . 1.23 -6.99 -16.33
C3B NAI E . 1.98 -4.74 -16.27
O3B NAI E . 3.13 -4.59 -15.47
C2B NAI E . 2.41 -5.43 -17.53
O2B NAI E . 3.71 -5.05 -17.85
C1B NAI E . 2.43 -6.83 -16.99
N9A NAI E . 2.55 -7.75 -18.08
C8A NAI E . 1.91 -7.69 -19.29
N7A NAI E . 2.34 -8.74 -20.01
C5A NAI E . 3.22 -9.39 -19.24
C6A NAI E . 3.94 -10.50 -19.52
N6A NAI E . 3.79 -10.82 -20.78
N1A NAI E . 4.83 -11.09 -18.60
C2A NAI E . 5.00 -10.46 -17.35
N3A NAI E . 4.27 -9.31 -17.09
C4A NAI E . 3.39 -8.81 -18.04
O3 NAI E . -3.01 -4.16 -14.74
PN NAI E . -3.59 -4.29 -13.24
O1N NAI E . -2.48 -4.52 -12.30
O2N NAI E . -4.57 -3.21 -13.02
O5D NAI E . -4.43 -5.63 -13.33
C5D NAI E . -3.77 -6.87 -13.44
C4D NAI E . -4.79 -8.00 -13.65
O4D NAI E . -5.59 -8.21 -12.50
C3D NAI E . -5.76 -7.74 -14.78
O3D NAI E . -5.83 -8.91 -15.54
C2D NAI E . -7.07 -7.45 -14.06
O2D NAI E . -8.17 -7.82 -14.85
C1D NAI E . -6.93 -8.36 -12.86
N1N NAI E . -7.75 -8.08 -11.67
C2N NAI E . -8.24 -9.16 -11.01
C3N NAI E . -8.96 -8.99 -9.87
C7N NAI E . -9.59 -10.20 -9.29
O7N NAI E . -10.59 -9.98 -8.36
N7N NAI E . -9.20 -11.40 -9.67
C4N NAI E . -9.22 -7.71 -9.34
C5N NAI E . -8.70 -6.61 -10.02
C6N NAI E . -7.94 -6.81 -11.18
C1 OXM F . -11.97 -6.99 -11.27
N1 OXM F . -11.39 -6.01 -11.98
O1 OXM F . -12.00 -8.21 -11.55
C2 OXM F . -12.66 -6.58 -10.03
O2 OXM F . -13.50 -7.39 -9.54
O3 OXM F . -12.37 -5.44 -9.56
#